data_2G1T
#
_entry.id   2G1T
#
_cell.length_a   62.586
_cell.length_b   78.440
_cell.length_c   141.609
_cell.angle_alpha   90.00
_cell.angle_beta   90.11
_cell.angle_gamma   90.00
#
_symmetry.space_group_name_H-M   'P 1 21 1'
#
loop_
_entity.id
_entity.type
_entity.pdbx_description
1 polymer 'Proto-oncogene tyrosine-protein kinase ABL1'
2 polymer 'ATP-Peptide Conjugate'
3 non-polymer 'MAGNESIUM ION'
4 non-polymer 'THIOPHOSPHORIC ACID O-((ADENOSYL-PHOSPHO)PHOSPHO)-S-ACETAMIDYL-DIESTER'
5 water water
#
loop_
_entity_poly.entity_id
_entity_poly.type
_entity_poly.pdbx_seq_one_letter_code
_entity_poly.pdbx_strand_id
1 'polypeptide(L)'
;GHMSPNYDKWEMERTDITMKHKLGGGQYGEVYEGVWKKYSLTVAVKTLKEDTMEVEEFLKEAAVMKEIKHPNLVQLLGVC
TREPPFYIITEFMTYGNLLDYLRECNRQEVNAVVLLYMATQISSAMEYLEKKNFIHRDLAARNCLVGENHLVKVADFGLS
RLMTGDTYTAHAGAKFPIKWTAPESLAYNKFSIKSDVWAFGVLLWEIATYGMSPYPGIDLSQVYELLEKDYRMERPEGCP
EKVYELMRACWQWNPSDRPSFAEIHQAFETMFQESSISDEVEKELGK
;
A,B,C,D
2 'polypeptide(L)' AEEEIFGEFEAKK E,F,G,H
#
loop_
_chem_comp.id
_chem_comp.type
_chem_comp.name
_chem_comp.formula
112 non-polymer 'THIOPHOSPHORIC ACID O-((ADENOSYL-PHOSPHO)PHOSPHO)-S-ACETAMIDYL-DIESTER' 'C12 H19 N6 O13 P3 S'
MG non-polymer 'MAGNESIUM ION' 'Mg 2'
#
# COMPACT_ATOMS: atom_id res chain seq x y z
N TYR A 7 -22.97 19.52 17.03
CA TYR A 7 -21.87 18.52 16.81
C TYR A 7 -20.88 18.52 17.96
N ASP A 8 -21.31 19.01 19.13
CA ASP A 8 -20.44 19.10 20.30
C ASP A 8 -19.86 17.75 20.73
N LYS A 9 -20.56 16.68 20.40
CA LYS A 9 -20.10 15.36 20.80
C LYS A 9 -18.86 14.92 20.03
N TRP A 10 -18.59 15.55 18.90
CA TRP A 10 -17.41 15.17 18.12
C TRP A 10 -16.58 16.30 17.53
N GLU A 11 -16.86 17.54 17.92
CA GLU A 11 -16.06 18.65 17.43
C GLU A 11 -14.97 18.86 18.47
N MET A 12 -13.72 18.65 18.06
CA MET A 12 -12.60 18.77 18.96
C MET A 12 -11.76 20.00 18.70
N GLU A 13 -10.70 20.14 19.48
CA GLU A 13 -9.76 21.24 19.39
C GLU A 13 -8.40 20.57 19.20
N ARG A 14 -7.51 21.19 18.43
CA ARG A 14 -6.20 20.59 18.20
C ARG A 14 -5.48 20.23 19.50
N THR A 15 -5.61 21.09 20.51
CA THR A 15 -4.95 20.85 21.79
C THR A 15 -5.51 19.65 22.56
N ASP A 16 -6.64 19.12 22.10
CA ASP A 16 -7.24 17.97 22.75
C ASP A 16 -6.45 16.70 22.43
N ILE A 17 -5.56 16.80 21.44
CA ILE A 17 -4.78 15.65 21.02
C ILE A 17 -3.28 15.90 20.98
N THR A 18 -2.52 14.95 21.50
CA THR A 18 -1.08 15.02 21.51
C THR A 18 -0.61 14.35 20.22
N MET A 19 0.05 15.10 19.36
CA MET A 19 0.53 14.57 18.08
C MET A 19 1.87 13.87 18.24
N LYS A 20 1.97 12.67 17.68
CA LYS A 20 3.21 11.91 17.75
C LYS A 20 3.81 11.81 16.35
N HIS A 21 4.46 10.69 16.01
CA HIS A 21 5.08 10.55 14.70
C HIS A 21 4.13 10.42 13.52
N LYS A 22 4.62 10.77 12.34
CA LYS A 22 3.87 10.69 11.11
C LYS A 22 3.83 9.24 10.66
N LEU A 23 2.66 8.76 10.26
CA LEU A 23 2.50 7.38 9.83
C LEU A 23 2.59 7.24 8.33
N GLY A 24 2.28 8.33 7.63
CA GLY A 24 2.32 8.34 6.19
C GLY A 24 1.36 9.41 5.70
N GLY A 25 0.87 9.28 4.48
CA GLY A 25 -0.05 10.27 3.96
C GLY A 25 -0.49 9.95 2.54
N GLY A 26 -1.42 10.74 2.02
CA GLY A 26 -1.92 10.53 0.67
C GLY A 26 -2.42 11.82 0.02
N GLN A 27 -3.34 11.68 -0.93
CA GLN A 27 -3.89 12.84 -1.63
C GLN A 27 -4.64 13.84 -0.75
N TYR A 28 -5.16 13.40 0.39
CA TYR A 28 -5.93 14.31 1.22
C TYR A 28 -5.19 14.98 2.37
N GLY A 29 -4.11 14.36 2.81
CA GLY A 29 -3.34 14.93 3.91
C GLY A 29 -2.41 13.91 4.52
N GLU A 30 -1.74 14.30 5.60
CA GLU A 30 -0.80 13.41 6.27
C GLU A 30 -1.47 12.76 7.48
N VAL A 31 -1.02 11.57 7.85
CA VAL A 31 -1.58 10.86 8.98
C VAL A 31 -0.53 10.71 10.08
N TYR A 32 -0.94 11.02 11.31
CA TYR A 32 -0.06 10.93 12.46
C TYR A 32 -0.71 10.08 13.55
N GLU A 33 0.14 9.48 14.38
CA GLU A 33 -0.37 8.73 15.51
C GLU A 33 -0.57 9.84 16.54
N GLY A 34 -1.68 9.79 17.25
CA GLY A 34 -1.93 10.80 18.24
C GLY A 34 -2.55 10.21 19.49
N VAL A 35 -2.70 11.04 20.51
CA VAL A 35 -3.32 10.59 21.75
C VAL A 35 -4.42 11.56 22.12
N TRP A 36 -5.63 11.03 22.27
CA TRP A 36 -6.76 11.84 22.68
C TRP A 36 -6.57 11.88 24.21
N LYS A 37 -6.01 12.99 24.69
CA LYS A 37 -5.70 13.17 26.11
C LYS A 37 -6.79 12.75 27.10
N LYS A 38 -7.99 13.28 26.88
CA LYS A 38 -9.13 12.99 27.75
C LYS A 38 -9.24 11.51 28.09
N TYR A 39 -8.97 10.64 27.12
CA TYR A 39 -9.09 9.21 27.36
C TYR A 39 -7.79 8.44 27.29
N SER A 40 -6.66 9.15 27.17
CA SER A 40 -5.37 8.49 27.05
C SER A 40 -5.48 7.44 25.95
N LEU A 41 -6.25 7.79 24.91
CA LEU A 41 -6.50 6.88 23.79
C LEU A 41 -5.68 7.21 22.55
N THR A 42 -4.96 6.21 22.06
CA THR A 42 -4.18 6.37 20.84
C THR A 42 -5.16 6.41 19.67
N VAL A 43 -5.04 7.42 18.82
CA VAL A 43 -5.93 7.57 17.67
C VAL A 43 -5.11 7.92 16.44
N ALA A 44 -5.77 7.89 15.28
CA ALA A 44 -5.12 8.27 14.03
C ALA A 44 -5.61 9.69 13.77
N VAL A 45 -4.70 10.57 13.39
CA VAL A 45 -5.04 11.96 13.13
C VAL A 45 -4.67 12.34 11.70
N LYS A 46 -5.66 12.65 10.87
CA LYS A 46 -5.33 13.07 9.51
C LYS A 46 -5.45 14.58 9.44
N THR A 47 -4.33 15.22 9.13
CA THR A 47 -4.29 16.66 8.99
C THR A 47 -4.51 16.96 7.51
N LEU A 48 -5.71 17.41 7.17
CA LEU A 48 -6.03 17.69 5.78
C LEU A 48 -5.24 18.87 5.22
N LYS A 49 -5.03 18.86 3.89
CA LYS A 49 -4.33 19.92 3.20
C LYS A 49 -5.22 21.17 3.22
N GLU A 50 -4.62 22.34 3.03
CA GLU A 50 -5.40 23.57 3.00
C GLU A 50 -6.40 23.41 1.86
N ASP A 51 -7.66 23.76 2.11
CA ASP A 51 -8.68 23.57 1.10
C ASP A 51 -9.70 24.70 1.09
N THR A 52 -10.56 24.71 0.08
CA THR A 52 -11.57 25.75 -0.08
C THR A 52 -13.01 25.34 0.24
N MET A 53 -13.22 24.06 0.55
CA MET A 53 -14.57 23.58 0.83
C MET A 53 -15.24 24.34 1.97
N GLU A 54 -16.52 24.65 1.78
CA GLU A 54 -17.32 25.35 2.78
C GLU A 54 -17.33 24.59 4.10
N VAL A 55 -17.15 25.30 5.20
CA VAL A 55 -17.14 24.68 6.52
C VAL A 55 -18.49 23.98 6.80
N GLU A 56 -19.58 24.62 6.41
CA GLU A 56 -20.91 24.04 6.62
C GLU A 56 -21.07 22.73 5.87
N GLU A 57 -20.58 22.70 4.64
CA GLU A 57 -20.67 21.51 3.79
C GLU A 57 -19.79 20.41 4.38
N PHE A 58 -18.61 20.80 4.85
CA PHE A 58 -17.68 19.86 5.46
C PHE A 58 -18.33 19.15 6.64
N LEU A 59 -18.87 19.93 7.57
CA LEU A 59 -19.51 19.38 8.77
C LEU A 59 -20.74 18.52 8.49
N LYS A 60 -21.54 18.92 7.52
CA LYS A 60 -22.73 18.14 7.17
C LYS A 60 -22.29 16.77 6.67
N GLU A 61 -21.21 16.75 5.90
CA GLU A 61 -20.67 15.52 5.36
C GLU A 61 -20.08 14.68 6.50
N ALA A 62 -19.33 15.34 7.38
CA ALA A 62 -18.73 14.66 8.51
C ALA A 62 -19.80 14.06 9.43
N ALA A 63 -20.93 14.74 9.57
CA ALA A 63 -22.02 14.24 10.42
C ALA A 63 -22.51 12.90 9.89
N VAL A 64 -22.61 12.76 8.58
CA VAL A 64 -23.03 11.51 7.95
C VAL A 64 -22.03 10.41 8.32
N MET A 65 -20.75 10.70 8.13
CA MET A 65 -19.70 9.75 8.44
C MET A 65 -19.70 9.33 9.91
N LYS A 66 -20.07 10.24 10.80
CA LYS A 66 -20.09 9.95 12.22
C LYS A 66 -21.10 8.87 12.54
N GLU A 67 -22.13 8.74 11.70
CA GLU A 67 -23.15 7.74 11.91
C GLU A 67 -22.79 6.38 11.31
N ILE A 68 -21.62 6.30 10.67
CA ILE A 68 -21.19 5.03 10.08
C ILE A 68 -20.60 4.21 11.22
N LYS A 69 -21.39 3.28 11.74
CA LYS A 69 -20.97 2.43 12.86
C LYS A 69 -21.15 0.97 12.52
N HIS A 70 -20.03 0.27 12.35
CA HIS A 70 -20.04 -1.13 11.98
C HIS A 70 -18.76 -1.76 12.52
N PRO A 71 -18.78 -3.06 12.85
CA PRO A 71 -17.58 -3.72 13.37
C PRO A 71 -16.41 -3.79 12.40
N ASN A 72 -16.66 -3.53 11.12
CA ASN A 72 -15.59 -3.58 10.13
C ASN A 72 -15.35 -2.27 9.39
N LEU A 73 -15.75 -1.15 10.00
CA LEU A 73 -15.53 0.16 9.41
C LEU A 73 -14.82 1.02 10.46
N VAL A 74 -13.70 1.63 10.06
CA VAL A 74 -12.94 2.46 10.99
C VAL A 74 -13.80 3.65 11.39
N GLN A 75 -14.02 3.78 12.69
CA GLN A 75 -14.87 4.84 13.19
C GLN A 75 -14.29 6.24 13.21
N LEU A 76 -15.13 7.21 12.84
CA LEU A 76 -14.74 8.61 12.89
C LEU A 76 -14.97 8.97 14.36
N LEU A 77 -13.93 9.47 15.02
CA LEU A 77 -14.07 9.83 16.43
C LEU A 77 -14.35 11.31 16.61
N GLY A 78 -13.77 12.14 15.74
CA GLY A 78 -13.98 13.57 15.81
C GLY A 78 -13.27 14.35 14.73
N VAL A 79 -13.49 15.67 14.73
CA VAL A 79 -12.84 16.55 13.78
C VAL A 79 -12.48 17.85 14.47
N CYS A 80 -11.33 18.41 14.12
CA CYS A 80 -10.90 19.69 14.67
C CYS A 80 -11.24 20.69 13.58
N THR A 81 -12.20 21.57 13.82
CA THR A 81 -12.61 22.52 12.80
C THR A 81 -12.45 24.00 13.14
N ARG A 82 -12.05 24.31 14.37
CA ARG A 82 -11.88 25.71 14.74
C ARG A 82 -10.83 26.38 13.87
N GLU A 83 -9.81 25.61 13.50
CA GLU A 83 -8.71 26.11 12.69
C GLU A 83 -8.52 25.36 11.38
N PRO A 84 -8.74 26.03 10.23
CA PRO A 84 -8.54 25.34 8.96
C PRO A 84 -7.03 25.32 8.71
N PRO A 85 -6.50 24.29 8.03
CA PRO A 85 -7.19 23.10 7.51
C PRO A 85 -7.61 22.17 8.64
N PHE A 86 -8.74 21.51 8.45
CA PHE A 86 -9.31 20.62 9.45
C PHE A 86 -8.52 19.33 9.69
N TYR A 87 -8.74 18.76 10.87
CA TYR A 87 -8.14 17.50 11.29
C TYR A 87 -9.25 16.47 11.40
N ILE A 88 -8.97 15.24 11.00
CA ILE A 88 -9.94 14.16 11.09
C ILE A 88 -9.36 13.12 12.05
N ILE A 89 -10.08 12.85 13.14
CA ILE A 89 -9.64 11.89 14.14
C ILE A 89 -10.41 10.56 14.01
N THR A 90 -9.69 9.47 13.77
CA THR A 90 -10.31 8.15 13.61
C THR A 90 -9.65 7.11 14.51
N GLU A 91 -10.31 5.98 14.67
CA GLU A 91 -9.78 4.92 15.50
C GLU A 91 -8.45 4.41 14.93
N PHE A 92 -7.49 4.17 15.82
CA PHE A 92 -6.17 3.71 15.40
C PHE A 92 -6.14 2.20 15.14
N MET A 93 -5.65 1.80 13.97
CA MET A 93 -5.55 0.39 13.60
C MET A 93 -4.09 -0.04 13.74
N THR A 94 -3.82 -0.88 14.72
CA THR A 94 -2.45 -1.33 15.04
C THR A 94 -1.55 -1.97 13.97
N TYR A 95 -2.12 -2.61 12.95
CA TYR A 95 -1.26 -3.23 11.96
C TYR A 95 -1.13 -2.55 10.59
N GLY A 96 -1.51 -1.28 10.52
CA GLY A 96 -1.38 -0.53 9.28
C GLY A 96 -2.30 -0.92 8.15
N ASN A 97 -2.00 -0.43 6.95
CA ASN A 97 -2.82 -0.74 5.78
C ASN A 97 -2.64 -2.18 5.29
N LEU A 98 -3.69 -2.70 4.67
CA LEU A 98 -3.73 -4.08 4.19
C LEU A 98 -2.75 -4.42 3.08
N LEU A 99 -2.45 -3.45 2.22
CA LEU A 99 -1.53 -3.65 1.11
C LEU A 99 -0.13 -4.03 1.62
N ASP A 100 0.41 -3.21 2.51
CA ASP A 100 1.73 -3.48 3.08
C ASP A 100 1.66 -4.75 3.91
N TYR A 101 0.57 -4.90 4.66
CA TYR A 101 0.39 -6.08 5.49
C TYR A 101 0.55 -7.35 4.66
N LEU A 102 -0.17 -7.42 3.55
CA LEU A 102 -0.10 -8.61 2.69
C LEU A 102 1.28 -8.81 2.05
N ARG A 103 1.93 -7.71 1.66
CA ARG A 103 3.25 -7.77 1.04
C ARG A 103 4.34 -8.26 2.00
N GLU A 104 4.14 -8.02 3.29
CA GLU A 104 5.15 -8.39 4.28
C GLU A 104 4.77 -9.55 5.19
N CYS A 105 3.56 -10.10 5.01
CA CYS A 105 3.10 -11.16 5.88
C CYS A 105 3.72 -12.53 5.64
N ASN A 106 3.47 -13.43 6.58
CA ASN A 106 3.92 -14.81 6.50
C ASN A 106 2.76 -15.54 5.83
N ARG A 107 2.93 -15.89 4.56
CA ARG A 107 1.87 -16.56 3.81
C ARG A 107 1.40 -17.91 4.32
N GLN A 108 2.17 -18.53 5.21
CA GLN A 108 1.75 -19.80 5.76
C GLN A 108 0.73 -19.48 6.85
N GLU A 109 0.93 -18.32 7.47
CA GLU A 109 0.04 -17.83 8.52
C GLU A 109 -1.20 -17.24 7.84
N VAL A 110 -0.97 -16.25 6.97
CA VAL A 110 -2.05 -15.61 6.23
C VAL A 110 -2.29 -16.49 5.02
N ASN A 111 -3.02 -17.59 5.25
CA ASN A 111 -3.31 -18.56 4.19
C ASN A 111 -4.62 -18.31 3.48
N ALA A 112 -5.05 -19.31 2.71
CA ALA A 112 -6.29 -19.21 1.94
C ALA A 112 -7.51 -18.91 2.79
N VAL A 113 -7.57 -19.48 3.99
CA VAL A 113 -8.70 -19.25 4.86
C VAL A 113 -8.71 -17.82 5.39
N VAL A 114 -7.52 -17.30 5.69
CA VAL A 114 -7.39 -15.93 6.18
C VAL A 114 -7.74 -14.93 5.08
N LEU A 115 -7.26 -15.17 3.87
CA LEU A 115 -7.56 -14.27 2.74
C LEU A 115 -9.06 -14.21 2.56
N LEU A 116 -9.71 -15.34 2.76
CA LEU A 116 -11.15 -15.46 2.63
C LEU A 116 -11.83 -14.67 3.75
N TYR A 117 -11.24 -14.75 4.95
CA TYR A 117 -11.77 -14.06 6.12
C TYR A 117 -11.69 -12.55 5.88
N MET A 118 -10.56 -12.08 5.37
CA MET A 118 -10.37 -10.66 5.09
C MET A 118 -11.40 -10.15 4.09
N ALA A 119 -11.62 -10.91 3.03
CA ALA A 119 -12.60 -10.55 2.01
C ALA A 119 -14.01 -10.51 2.60
N THR A 120 -14.29 -11.45 3.49
CA THR A 120 -15.60 -11.54 4.14
C THR A 120 -15.87 -10.27 4.97
N GLN A 121 -14.89 -9.86 5.76
CA GLN A 121 -15.02 -8.67 6.59
C GLN A 121 -15.24 -7.42 5.73
N ILE A 122 -14.43 -7.26 4.69
CA ILE A 122 -14.56 -6.09 3.82
C ILE A 122 -15.93 -6.07 3.14
N SER A 123 -16.43 -7.23 2.72
CA SER A 123 -17.73 -7.26 2.06
C SER A 123 -18.84 -6.92 3.06
N SER A 124 -18.63 -7.23 4.34
CA SER A 124 -19.62 -6.91 5.36
C SER A 124 -19.67 -5.39 5.52
N ALA A 125 -18.49 -4.76 5.59
CA ALA A 125 -18.43 -3.31 5.74
C ALA A 125 -19.07 -2.62 4.56
N MET A 126 -18.84 -3.13 3.36
CA MET A 126 -19.39 -2.51 2.16
C MET A 126 -20.89 -2.73 2.04
N GLU A 127 -21.37 -3.86 2.53
CA GLU A 127 -22.80 -4.14 2.49
C GLU A 127 -23.45 -3.07 3.36
N TYR A 128 -22.78 -2.72 4.45
CA TYR A 128 -23.29 -1.69 5.35
C TYR A 128 -23.30 -0.33 4.65
N LEU A 129 -22.22 0.03 3.95
CA LEU A 129 -22.18 1.33 3.26
C LEU A 129 -23.29 1.39 2.21
N GLU A 130 -23.49 0.28 1.52
CA GLU A 130 -24.53 0.17 0.50
C GLU A 130 -25.89 0.44 1.14
N LYS A 131 -26.13 -0.20 2.29
CA LYS A 131 -27.38 -0.04 3.01
C LYS A 131 -27.61 1.43 3.36
N LYS A 132 -26.54 2.13 3.70
CA LYS A 132 -26.62 3.54 4.04
C LYS A 132 -26.56 4.44 2.81
N ASN A 133 -26.42 3.83 1.65
CA ASN A 133 -26.32 4.60 0.41
C ASN A 133 -25.16 5.59 0.56
N PHE A 134 -24.05 5.07 1.08
CA PHE A 134 -22.83 5.84 1.30
C PHE A 134 -21.80 5.35 0.30
N ILE A 135 -21.33 6.23 -0.58
CA ILE A 135 -20.34 5.87 -1.57
C ILE A 135 -18.96 6.08 -0.98
N HIS A 136 -18.14 5.04 -1.03
CA HIS A 136 -16.77 5.10 -0.49
C HIS A 136 -15.88 5.95 -1.38
N ARG A 137 -15.85 5.57 -2.66
CA ARG A 137 -15.08 6.23 -3.71
C ARG A 137 -13.57 6.04 -3.72
N ASP A 138 -13.03 5.38 -2.70
CA ASP A 138 -11.59 5.12 -2.66
C ASP A 138 -11.30 3.73 -2.14
N LEU A 139 -12.18 2.78 -2.47
CA LEU A 139 -12.01 1.43 -2.00
C LEU A 139 -10.81 0.79 -2.67
N ALA A 140 -9.90 0.26 -1.87
CA ALA A 140 -8.68 -0.36 -2.37
C ALA A 140 -7.90 -0.86 -1.15
N ALA A 141 -6.94 -1.75 -1.37
CA ALA A 141 -6.18 -2.30 -0.26
C ALA A 141 -5.55 -1.21 0.60
N ARG A 142 -5.17 -0.10 -0.02
CA ARG A 142 -4.54 0.99 0.72
C ARG A 142 -5.51 1.60 1.72
N ASN A 143 -6.81 1.41 1.48
CA ASN A 143 -7.82 1.93 2.38
C ASN A 143 -8.50 0.89 3.25
N CYS A 144 -7.82 -0.23 3.44
CA CYS A 144 -8.28 -1.29 4.33
C CYS A 144 -7.18 -1.33 5.39
N LEU A 145 -7.57 -1.37 6.65
CA LEU A 145 -6.60 -1.38 7.75
C LEU A 145 -6.68 -2.66 8.55
N VAL A 146 -5.55 -3.05 9.15
CA VAL A 146 -5.50 -4.31 9.89
C VAL A 146 -5.27 -4.18 11.40
N GLY A 147 -6.00 -5.00 12.13
CA GLY A 147 -5.89 -5.03 13.58
C GLY A 147 -5.40 -6.40 14.03
N GLU A 148 -5.49 -6.67 15.32
CA GLU A 148 -5.06 -7.96 15.85
C GLU A 148 -5.89 -9.10 15.25
N ASN A 149 -5.30 -10.29 15.27
CA ASN A 149 -5.95 -11.51 14.78
C ASN A 149 -6.63 -11.41 13.41
N HIS A 150 -5.94 -10.78 12.46
CA HIS A 150 -6.43 -10.61 11.09
C HIS A 150 -7.71 -9.80 10.95
N LEU A 151 -7.97 -8.94 11.92
CA LEU A 151 -9.14 -8.06 11.87
C LEU A 151 -8.88 -7.07 10.74
N VAL A 152 -9.88 -6.86 9.88
CA VAL A 152 -9.73 -5.91 8.78
C VAL A 152 -10.90 -4.94 8.78
N LYS A 153 -10.59 -3.65 8.66
CA LYS A 153 -11.61 -2.62 8.65
C LYS A 153 -11.42 -1.69 7.46
N VAL A 154 -12.52 -1.33 6.81
CA VAL A 154 -12.46 -0.42 5.68
C VAL A 154 -12.36 0.99 6.25
N ALA A 155 -11.51 1.81 5.67
CA ALA A 155 -11.32 3.18 6.17
C ALA A 155 -11.43 4.26 5.10
N ASP A 156 -11.37 5.51 5.56
CA ASP A 156 -11.40 6.69 4.70
C ASP A 156 -12.52 6.67 3.68
N PHE A 157 -13.70 6.20 4.10
CA PHE A 157 -14.87 6.15 3.23
C PHE A 157 -15.42 7.57 3.03
N GLY A 158 -15.70 7.94 1.78
CA GLY A 158 -16.23 9.25 1.47
C GLY A 158 -15.30 10.42 1.70
N LEU A 159 -14.04 10.15 2.05
CA LEU A 159 -13.08 11.22 2.31
C LEU A 159 -13.02 12.27 1.21
N SER A 160 -13.17 11.85 -0.05
CA SER A 160 -13.10 12.78 -1.17
C SER A 160 -14.15 13.88 -1.09
N ARG A 161 -15.22 13.64 -0.35
CA ARG A 161 -16.27 14.64 -0.25
C ARG A 161 -16.02 15.66 0.86
N LEU A 162 -14.84 15.60 1.47
CA LEU A 162 -14.48 16.55 2.51
C LEU A 162 -13.42 17.51 1.96
N MET A 163 -13.08 17.34 0.69
CA MET A 163 -12.07 18.18 0.04
C MET A 163 -12.50 18.55 -1.37
N THR A 164 -12.11 19.75 -1.80
CA THR A 164 -12.43 20.20 -3.15
C THR A 164 -11.19 19.83 -3.97
N GLY A 165 -10.02 20.05 -3.37
CA GLY A 165 -8.76 19.75 -4.01
C GLY A 165 -8.74 20.05 -5.50
N ASP A 166 -8.24 19.08 -6.27
CA ASP A 166 -8.13 19.19 -7.71
C ASP A 166 -9.45 18.89 -8.41
N THR A 167 -10.56 19.43 -7.92
CA THR A 167 -11.80 19.15 -8.61
C THR A 167 -11.66 19.75 -10.01
N TYR A 168 -11.07 20.94 -10.08
CA TYR A 168 -10.89 21.61 -11.36
C TYR A 168 -9.43 21.85 -11.75
N THR A 169 -9.12 21.56 -13.02
CA THR A 169 -7.78 21.73 -13.55
C THR A 169 -7.86 22.11 -15.02
N ALA A 170 -6.85 22.81 -15.51
CA ALA A 170 -6.80 23.22 -16.92
C ALA A 170 -6.30 22.06 -17.79
N HIS A 171 -5.87 20.98 -17.16
CA HIS A 171 -5.41 19.82 -17.90
C HIS A 171 -6.57 19.19 -18.64
N ALA A 172 -6.27 18.42 -19.68
CA ALA A 172 -7.33 17.73 -20.40
C ALA A 172 -7.63 16.52 -19.52
N GLY A 173 -8.88 16.05 -19.54
CA GLY A 173 -9.22 14.89 -18.72
C GLY A 173 -9.11 15.15 -17.23
N ALA A 174 -9.28 14.08 -16.45
CA ALA A 174 -9.22 14.15 -14.99
C ALA A 174 -8.26 13.13 -14.38
N LYS A 175 -7.92 13.34 -13.12
CA LYS A 175 -7.01 12.47 -12.38
C LYS A 175 -7.77 11.40 -11.60
N PHE A 176 -7.36 10.16 -11.81
CA PHE A 176 -8.01 9.04 -11.12
C PHE A 176 -7.02 7.96 -10.72
N PRO A 177 -7.42 7.10 -9.77
CA PRO A 177 -6.57 5.99 -9.34
C PRO A 177 -7.11 5.01 -10.36
N ILE A 178 -6.69 5.24 -11.61
CA ILE A 178 -7.17 4.51 -12.78
C ILE A 178 -7.49 3.03 -12.72
N LYS A 179 -6.59 2.21 -12.20
CA LYS A 179 -6.83 0.78 -12.20
C LYS A 179 -7.87 0.27 -11.22
N TRP A 180 -8.41 1.15 -10.38
CA TRP A 180 -9.44 0.78 -9.42
C TRP A 180 -10.75 1.45 -9.83
N THR A 181 -10.69 2.24 -10.91
CA THR A 181 -11.85 3.00 -11.36
C THR A 181 -12.74 2.36 -12.41
N ALA A 182 -14.02 2.19 -12.07
CA ALA A 182 -14.99 1.60 -12.98
C ALA A 182 -15.04 2.40 -14.29
N PRO A 183 -15.35 1.72 -15.41
CA PRO A 183 -15.44 2.31 -16.74
C PRO A 183 -16.28 3.58 -16.81
N GLU A 184 -17.50 3.52 -16.28
CA GLU A 184 -18.41 4.67 -16.32
C GLU A 184 -17.88 5.84 -15.50
N SER A 185 -17.11 5.53 -14.46
CA SER A 185 -16.54 6.58 -13.62
C SER A 185 -15.42 7.29 -14.38
N LEU A 186 -14.67 6.53 -15.16
CA LEU A 186 -13.61 7.11 -15.97
C LEU A 186 -14.25 7.98 -17.06
N ALA A 187 -15.35 7.48 -17.61
CA ALA A 187 -16.04 8.20 -18.67
C ALA A 187 -16.74 9.48 -18.23
N TYR A 188 -17.43 9.44 -17.09
CA TYR A 188 -18.19 10.59 -16.61
C TYR A 188 -17.70 11.25 -15.35
N ASN A 189 -16.67 10.69 -14.72
CA ASN A 189 -16.17 11.24 -13.47
C ASN A 189 -17.32 11.37 -12.47
N LYS A 190 -18.11 10.30 -12.38
CA LYS A 190 -19.25 10.21 -11.48
C LYS A 190 -19.16 8.84 -10.81
N PHE A 191 -19.51 8.77 -9.54
CA PHE A 191 -19.39 7.51 -8.81
C PHE A 191 -20.69 7.07 -8.13
N SER A 192 -20.75 5.78 -7.82
CA SER A 192 -21.92 5.19 -7.18
C SER A 192 -21.50 3.96 -6.38
N ILE A 193 -22.48 3.31 -5.75
CA ILE A 193 -22.22 2.10 -5.00
C ILE A 193 -21.66 1.07 -5.98
N LYS A 194 -22.20 1.05 -7.19
CA LYS A 194 -21.75 0.13 -8.22
C LYS A 194 -20.32 0.37 -8.65
N SER A 195 -19.87 1.63 -8.61
CA SER A 195 -18.48 1.89 -8.97
C SER A 195 -17.63 1.36 -7.81
N ASP A 196 -18.20 1.38 -6.60
CA ASP A 196 -17.48 0.83 -5.44
C ASP A 196 -17.40 -0.69 -5.62
N VAL A 197 -18.42 -1.28 -6.25
CA VAL A 197 -18.41 -2.73 -6.45
C VAL A 197 -17.26 -3.11 -7.38
N TRP A 198 -17.07 -2.34 -8.45
CA TRP A 198 -16.00 -2.57 -9.40
C TRP A 198 -14.66 -2.51 -8.65
N ALA A 199 -14.50 -1.50 -7.81
CA ALA A 199 -13.27 -1.33 -7.04
C ALA A 199 -13.06 -2.51 -6.08
N PHE A 200 -14.16 -3.04 -5.54
CA PHE A 200 -14.09 -4.18 -4.63
C PHE A 200 -13.48 -5.37 -5.39
N GLY A 201 -13.82 -5.48 -6.67
CA GLY A 201 -13.29 -6.55 -7.48
C GLY A 201 -11.76 -6.45 -7.60
N VAL A 202 -11.25 -5.24 -7.85
CA VAL A 202 -9.81 -5.03 -7.95
C VAL A 202 -9.18 -5.33 -6.59
N LEU A 203 -9.85 -4.92 -5.51
CA LEU A 203 -9.35 -5.18 -4.15
C LEU A 203 -9.21 -6.71 -3.92
N LEU A 204 -10.18 -7.48 -4.39
CA LEU A 204 -10.13 -8.94 -4.26
C LEU A 204 -8.86 -9.44 -4.95
N TRP A 205 -8.56 -8.87 -6.11
CA TRP A 205 -7.38 -9.26 -6.86
C TRP A 205 -6.13 -8.89 -6.03
N GLU A 206 -6.14 -7.72 -5.41
CA GLU A 206 -5.00 -7.30 -4.58
C GLU A 206 -4.76 -8.30 -3.45
N ILE A 207 -5.86 -8.76 -2.85
CA ILE A 207 -5.79 -9.71 -1.75
C ILE A 207 -5.30 -11.07 -2.24
N ALA A 208 -5.88 -11.52 -3.36
CA ALA A 208 -5.51 -12.80 -3.94
C ALA A 208 -4.04 -12.87 -4.33
N THR A 209 -3.44 -11.73 -4.66
CA THR A 209 -2.03 -11.69 -5.07
C THR A 209 -1.09 -11.24 -3.96
N TYR A 210 -1.59 -11.14 -2.74
CA TYR A 210 -0.78 -10.68 -1.63
C TYR A 210 -0.22 -9.28 -1.86
N GLY A 211 -1.05 -8.40 -2.44
CA GLY A 211 -0.65 -7.03 -2.65
C GLY A 211 0.10 -6.60 -3.90
N MET A 212 -0.11 -7.29 -5.02
CA MET A 212 0.56 -6.90 -6.27
C MET A 212 -0.20 -5.71 -6.86
N SER A 213 0.46 -4.93 -7.71
CA SER A 213 -0.20 -3.80 -8.35
C SER A 213 -1.02 -4.38 -9.49
N PRO A 214 -2.29 -3.97 -9.62
CA PRO A 214 -3.19 -4.47 -10.66
C PRO A 214 -2.75 -4.24 -12.11
N TYR A 215 -3.31 -5.03 -13.03
CA TYR A 215 -2.98 -4.95 -14.45
C TYR A 215 -1.47 -4.74 -14.65
N PRO A 216 -0.65 -5.64 -14.06
CA PRO A 216 0.80 -5.51 -14.20
C PRO A 216 1.29 -5.44 -15.65
N GLY A 217 2.10 -4.43 -15.95
CA GLY A 217 2.64 -4.29 -17.29
C GLY A 217 1.76 -3.51 -18.24
N ILE A 218 0.55 -3.15 -17.80
CA ILE A 218 -0.35 -2.39 -18.66
C ILE A 218 -0.26 -0.90 -18.29
N ASP A 219 0.01 -0.04 -19.26
CA ASP A 219 0.09 1.39 -18.98
C ASP A 219 -1.29 1.88 -18.55
N LEU A 220 -1.33 2.83 -17.62
CA LEU A 220 -2.60 3.38 -17.13
C LEU A 220 -3.48 3.90 -18.27
N SER A 221 -2.85 4.52 -19.24
CA SER A 221 -3.56 5.09 -20.39
C SER A 221 -4.19 4.05 -21.30
N GLN A 222 -3.80 2.78 -21.14
CA GLN A 222 -4.33 1.73 -22.00
C GLN A 222 -5.50 0.95 -21.39
N VAL A 223 -5.73 1.14 -20.09
CA VAL A 223 -6.79 0.44 -19.37
C VAL A 223 -8.21 0.56 -19.91
N TYR A 224 -8.70 1.79 -20.08
CA TYR A 224 -10.07 1.96 -20.55
C TYR A 224 -10.38 1.20 -21.84
N GLU A 225 -9.57 1.40 -22.87
CA GLU A 225 -9.75 0.73 -24.16
C GLU A 225 -9.82 -0.77 -24.01
N LEU A 226 -8.90 -1.34 -23.23
CA LEU A 226 -8.87 -2.78 -23.00
C LEU A 226 -10.18 -3.24 -22.35
N LEU A 227 -10.63 -2.50 -21.33
CA LEU A 227 -11.86 -2.84 -20.64
C LEU A 227 -13.04 -2.78 -21.60
N GLU A 228 -13.09 -1.74 -22.43
CA GLU A 228 -14.18 -1.61 -23.38
C GLU A 228 -14.26 -2.81 -24.32
N LYS A 229 -13.12 -3.37 -24.67
CA LYS A 229 -13.08 -4.53 -25.57
C LYS A 229 -13.12 -5.85 -24.80
N ASP A 230 -13.70 -5.81 -23.60
CA ASP A 230 -13.88 -6.97 -22.74
C ASP A 230 -12.66 -7.61 -22.08
N TYR A 231 -11.52 -6.95 -22.10
CA TYR A 231 -10.34 -7.52 -21.43
C TYR A 231 -10.55 -7.39 -19.92
N ARG A 232 -10.16 -8.41 -19.17
CA ARG A 232 -10.25 -8.35 -17.71
C ARG A 232 -9.05 -9.13 -17.17
N MET A 233 -8.55 -8.76 -16.00
CA MET A 233 -7.41 -9.47 -15.43
C MET A 233 -7.75 -10.96 -15.31
N GLU A 234 -6.76 -11.81 -15.54
CA GLU A 234 -6.99 -13.24 -15.46
C GLU A 234 -6.91 -13.72 -14.01
N ARG A 235 -7.34 -14.95 -13.76
CA ARG A 235 -7.35 -15.53 -12.43
C ARG A 235 -5.95 -15.59 -11.80
N PRO A 236 -5.77 -14.96 -10.63
CA PRO A 236 -4.46 -14.98 -9.96
C PRO A 236 -4.10 -16.41 -9.58
N GLU A 237 -2.80 -16.71 -9.53
CA GLU A 237 -2.36 -18.05 -9.16
C GLU A 237 -2.90 -18.40 -7.76
N GLY A 238 -3.50 -19.57 -7.64
CA GLY A 238 -4.03 -20.00 -6.36
C GLY A 238 -5.39 -19.44 -5.99
N CYS A 239 -5.94 -18.55 -6.80
CA CYS A 239 -7.23 -17.96 -6.51
C CYS A 239 -8.35 -18.95 -6.81
N PRO A 240 -9.21 -19.23 -5.83
CA PRO A 240 -10.29 -20.18 -6.09
C PRO A 240 -11.22 -19.71 -7.21
N GLU A 241 -11.65 -20.65 -8.03
CA GLU A 241 -12.52 -20.39 -9.17
C GLU A 241 -13.74 -19.53 -8.81
N LYS A 242 -14.36 -19.82 -7.67
CA LYS A 242 -15.53 -19.06 -7.27
C LYS A 242 -15.24 -17.63 -6.83
N VAL A 243 -14.03 -17.39 -6.32
CA VAL A 243 -13.66 -16.04 -5.92
C VAL A 243 -13.43 -15.24 -7.20
N TYR A 244 -12.80 -15.87 -8.19
CA TYR A 244 -12.55 -15.21 -9.46
C TYR A 244 -13.89 -14.91 -10.12
N GLU A 245 -14.83 -15.83 -9.96
CA GLU A 245 -16.17 -15.66 -10.53
C GLU A 245 -16.77 -14.36 -10.01
N LEU A 246 -16.67 -14.16 -8.70
CA LEU A 246 -17.21 -12.98 -8.05
C LEU A 246 -16.45 -11.74 -8.57
N MET A 247 -15.14 -11.89 -8.73
CA MET A 247 -14.29 -10.82 -9.23
C MET A 247 -14.83 -10.34 -10.58
N ARG A 248 -15.04 -11.31 -11.47
CA ARG A 248 -15.55 -11.03 -12.82
C ARG A 248 -16.95 -10.42 -12.81
N ALA A 249 -17.77 -10.82 -11.84
CA ALA A 249 -19.12 -10.27 -11.74
C ALA A 249 -19.01 -8.79 -11.37
N CYS A 250 -18.03 -8.47 -10.53
CA CYS A 250 -17.80 -7.09 -10.10
C CYS A 250 -17.36 -6.22 -11.28
N TRP A 251 -16.74 -6.83 -12.27
CA TRP A 251 -16.25 -6.10 -13.43
C TRP A 251 -17.16 -6.13 -14.64
N GLN A 252 -18.46 -6.28 -14.41
CA GLN A 252 -19.41 -6.25 -15.53
C GLN A 252 -19.38 -4.82 -16.04
N TRP A 253 -19.37 -4.66 -17.36
CA TRP A 253 -19.34 -3.33 -17.96
C TRP A 253 -20.49 -2.45 -17.51
N ASN A 254 -21.72 -2.99 -17.54
CA ASN A 254 -22.88 -2.22 -17.12
C ASN A 254 -22.96 -2.30 -15.60
N PRO A 255 -22.92 -1.15 -14.91
CA PRO A 255 -22.99 -1.17 -13.44
C PRO A 255 -24.20 -1.93 -12.92
N SER A 256 -25.28 -1.85 -13.68
CA SER A 256 -26.53 -2.52 -13.34
C SER A 256 -26.38 -4.03 -13.27
N ASP A 257 -25.45 -4.58 -14.05
CA ASP A 257 -25.23 -6.03 -14.07
C ASP A 257 -24.30 -6.53 -12.97
N ARG A 258 -23.75 -5.61 -12.18
CA ARG A 258 -22.85 -6.01 -11.10
C ARG A 258 -23.66 -6.39 -9.86
N PRO A 259 -23.16 -7.37 -9.10
CA PRO A 259 -23.90 -7.79 -7.90
C PRO A 259 -23.92 -6.67 -6.85
N SER A 260 -24.82 -6.77 -5.89
CA SER A 260 -24.89 -5.78 -4.82
C SER A 260 -23.91 -6.29 -3.77
N PHE A 261 -23.51 -5.42 -2.85
CA PHE A 261 -22.60 -5.85 -1.78
C PHE A 261 -23.28 -6.85 -0.84
N ALA A 262 -24.60 -6.76 -0.73
CA ALA A 262 -25.32 -7.70 0.12
C ALA A 262 -25.14 -9.10 -0.48
N GLU A 263 -25.25 -9.20 -1.80
CA GLU A 263 -25.08 -10.47 -2.48
C GLU A 263 -23.63 -10.97 -2.35
N ILE A 264 -22.69 -10.05 -2.50
CA ILE A 264 -21.28 -10.39 -2.40
C ILE A 264 -20.94 -10.89 -1.00
N HIS A 265 -21.45 -10.20 0.01
CA HIS A 265 -21.18 -10.60 1.40
C HIS A 265 -21.77 -11.98 1.66
N GLN A 266 -22.99 -12.22 1.20
CA GLN A 266 -23.63 -13.50 1.41
C GLN A 266 -22.79 -14.60 0.76
N ALA A 267 -22.29 -14.33 -0.44
CA ALA A 267 -21.48 -15.30 -1.15
C ALA A 267 -20.22 -15.64 -0.37
N PHE A 268 -19.57 -14.62 0.18
CA PHE A 268 -18.35 -14.83 0.94
C PHE A 268 -18.59 -15.52 2.28
N GLU A 269 -19.70 -15.18 2.94
CA GLU A 269 -20.02 -15.82 4.21
C GLU A 269 -20.11 -17.32 3.99
N THR A 270 -20.77 -17.70 2.90
CA THR A 270 -20.94 -19.10 2.55
C THR A 270 -19.56 -19.74 2.30
N MET A 271 -18.77 -19.10 1.45
CA MET A 271 -17.44 -19.63 1.16
C MET A 271 -16.61 -19.74 2.42
N PHE A 272 -16.70 -18.74 3.30
CA PHE A 272 -15.94 -18.76 4.54
C PHE A 272 -16.41 -19.91 5.44
N GLN A 273 -17.72 -20.15 5.48
CA GLN A 273 -18.27 -21.24 6.28
C GLN A 273 -17.73 -22.57 5.80
N GLU A 274 -18.01 -22.90 4.53
CA GLU A 274 -17.54 -24.15 3.94
C GLU A 274 -16.05 -24.35 4.21
N SER A 275 -15.26 -23.33 3.87
CA SER A 275 -13.82 -23.37 4.04
C SER A 275 -13.36 -23.50 5.49
N SER A 276 -14.23 -23.16 6.43
CA SER A 276 -13.88 -23.25 7.84
C SER A 276 -13.60 -24.69 8.22
N ILE A 277 -14.52 -25.58 7.81
CA ILE A 277 -14.42 -27.01 8.08
C ILE A 277 -13.06 -27.59 7.72
N PRO B 5 47.59 -5.81 -11.24
CA PRO B 5 46.22 -5.31 -10.90
C PRO B 5 45.19 -6.45 -10.71
N ASN B 6 44.36 -6.63 -11.74
CA ASN B 6 43.32 -7.66 -11.76
C ASN B 6 42.15 -7.09 -10.98
N TYR B 7 41.57 -6.01 -11.51
CA TYR B 7 40.43 -5.35 -10.89
C TYR B 7 39.18 -5.75 -11.68
N ASP B 8 39.24 -6.92 -12.30
CA ASP B 8 38.14 -7.42 -13.11
C ASP B 8 36.80 -7.55 -12.39
N LYS B 9 36.84 -7.79 -11.08
CA LYS B 9 35.61 -7.97 -10.33
C LYS B 9 34.83 -6.67 -10.06
N TRP B 10 35.44 -5.52 -10.34
CA TRP B 10 34.75 -4.26 -10.12
C TRP B 10 34.88 -3.25 -11.27
N GLU B 11 35.53 -3.65 -12.37
CA GLU B 11 35.65 -2.76 -13.52
C GLU B 11 34.44 -3.04 -14.42
N MET B 12 33.55 -2.08 -14.51
CA MET B 12 32.34 -2.24 -15.32
C MET B 12 32.39 -1.40 -16.59
N GLU B 13 31.42 -1.64 -17.47
CA GLU B 13 31.29 -0.90 -18.72
C GLU B 13 30.07 -0.01 -18.53
N ARG B 14 30.11 1.19 -19.08
CA ARG B 14 28.98 2.11 -18.93
C ARG B 14 27.67 1.48 -19.39
N THR B 15 27.78 0.47 -20.26
CA THR B 15 26.60 -0.22 -20.78
C THR B 15 25.99 -1.17 -19.76
N ASP B 16 26.77 -1.54 -18.74
CA ASP B 16 26.30 -2.45 -17.69
C ASP B 16 25.23 -1.81 -16.83
N ILE B 17 25.27 -0.49 -16.73
CA ILE B 17 24.32 0.25 -15.89
C ILE B 17 23.32 1.08 -16.68
N THR B 18 22.07 1.03 -16.23
CA THR B 18 21.00 1.80 -16.85
C THR B 18 20.88 3.10 -16.07
N MET B 19 21.16 4.22 -16.70
CA MET B 19 21.10 5.53 -16.05
C MET B 19 19.70 6.11 -15.98
N LYS B 20 19.26 6.44 -14.78
CA LYS B 20 17.95 7.04 -14.57
C LYS B 20 18.11 8.51 -14.22
N HIS B 21 17.21 9.05 -13.40
CA HIS B 21 17.27 10.47 -13.05
C HIS B 21 18.41 10.92 -12.14
N LYS B 22 18.78 12.19 -12.29
CA LYS B 22 19.84 12.80 -11.50
C LYS B 22 19.35 13.04 -10.07
N LEU B 23 20.15 12.63 -9.10
CA LEU B 23 19.81 12.81 -7.69
C LEU B 23 20.37 14.12 -7.14
N GLY B 24 21.50 14.54 -7.70
CA GLY B 24 22.14 15.76 -7.26
C GLY B 24 23.57 15.79 -7.73
N GLY B 25 24.41 16.57 -7.06
CA GLY B 25 25.81 16.63 -7.46
C GLY B 25 26.63 17.41 -6.46
N GLY B 26 27.94 17.46 -6.71
CA GLY B 26 28.84 18.17 -5.83
C GLY B 26 30.09 18.62 -6.56
N GLN B 27 31.16 18.87 -5.81
CA GLN B 27 32.41 19.35 -6.41
C GLN B 27 33.08 18.33 -7.34
N TYR B 28 32.83 17.06 -7.11
CA TYR B 28 33.46 16.02 -7.91
C TYR B 28 32.68 15.56 -9.13
N GLY B 29 31.37 15.79 -9.11
CA GLY B 29 30.55 15.36 -10.23
C GLY B 29 29.09 15.17 -9.86
N GLU B 30 28.30 14.68 -10.81
CA GLU B 30 26.87 14.48 -10.60
C GLU B 30 26.54 13.04 -10.22
N VAL B 31 25.45 12.87 -9.49
CA VAL B 31 25.03 11.54 -9.06
C VAL B 31 23.66 11.18 -9.61
N TYR B 32 23.55 9.99 -10.19
CA TYR B 32 22.28 9.53 -10.76
C TYR B 32 21.88 8.19 -10.18
N GLU B 33 20.57 7.96 -10.10
CA GLU B 33 20.07 6.69 -9.63
C GLU B 33 20.30 5.79 -10.85
N GLY B 34 20.81 4.59 -10.62
CA GLY B 34 21.05 3.69 -11.73
C GLY B 34 20.66 2.27 -11.41
N VAL B 35 20.61 1.43 -12.44
CA VAL B 35 20.27 0.02 -12.26
C VAL B 35 21.35 -0.85 -12.87
N TRP B 36 22.01 -1.64 -12.04
CA TRP B 36 23.06 -2.54 -12.49
C TRP B 36 22.36 -3.74 -13.14
N LYS B 37 22.09 -3.61 -14.44
CA LYS B 37 21.41 -4.62 -15.23
C LYS B 37 21.55 -6.08 -14.79
N LYS B 38 22.78 -6.56 -14.70
CA LYS B 38 23.04 -7.94 -14.32
C LYS B 38 22.31 -8.40 -13.06
N TYR B 39 22.06 -7.49 -12.14
CA TYR B 39 21.39 -7.86 -10.90
C TYR B 39 20.08 -7.14 -10.65
N SER B 40 19.63 -6.34 -11.61
CA SER B 40 18.40 -5.59 -11.44
C SER B 40 18.55 -4.86 -10.09
N LEU B 41 19.78 -4.49 -9.79
CA LEU B 41 20.11 -3.81 -8.55
C LEU B 41 20.19 -2.30 -8.70
N THR B 42 19.42 -1.57 -7.89
CA THR B 42 19.45 -0.11 -7.94
C THR B 42 20.76 0.33 -7.28
N VAL B 43 21.48 1.23 -7.95
CA VAL B 43 22.74 1.74 -7.42
C VAL B 43 22.86 3.24 -7.64
N ALA B 44 23.87 3.84 -7.01
CA ALA B 44 24.14 5.26 -7.16
C ALA B 44 25.31 5.35 -8.12
N VAL B 45 25.20 6.22 -9.11
CA VAL B 45 26.24 6.39 -10.11
C VAL B 45 26.75 7.81 -10.12
N LYS B 46 28.00 8.00 -9.72
CA LYS B 46 28.58 9.33 -9.74
C LYS B 46 29.41 9.49 -10.99
N THR B 47 29.04 10.46 -11.82
CA THR B 47 29.75 10.72 -13.06
C THR B 47 30.72 11.85 -12.78
N LEU B 48 31.99 11.49 -12.62
CA LEU B 48 33.05 12.47 -12.34
C LEU B 48 33.25 13.49 -13.44
N LYS B 49 33.59 14.72 -13.04
CA LYS B 49 33.87 15.79 -14.00
C LYS B 49 35.12 15.39 -14.77
N GLU B 50 35.31 15.97 -15.95
CA GLU B 50 36.50 15.70 -16.76
C GLU B 50 37.70 16.04 -15.89
N ASP B 51 38.68 15.15 -15.89
CA ASP B 51 39.85 15.32 -15.04
C ASP B 51 41.15 14.88 -15.74
N THR B 52 42.29 15.13 -15.08
CA THR B 52 43.59 14.80 -15.64
C THR B 52 44.29 13.56 -15.07
N MET B 53 43.62 12.83 -14.20
CA MET B 53 44.24 11.66 -13.60
C MET B 53 44.30 10.44 -14.51
N GLU B 54 45.47 9.81 -14.55
CA GLU B 54 45.67 8.59 -15.34
C GLU B 54 44.80 7.47 -14.81
N VAL B 55 44.36 6.60 -15.71
CA VAL B 55 43.50 5.49 -15.31
C VAL B 55 44.18 4.53 -14.33
N GLU B 56 45.45 4.22 -14.54
CA GLU B 56 46.15 3.31 -13.63
C GLU B 56 46.33 3.93 -12.25
N GLU B 57 46.50 5.24 -12.20
CA GLU B 57 46.68 5.94 -10.93
C GLU B 57 45.32 5.97 -10.24
N PHE B 58 44.28 6.14 -11.03
CA PHE B 58 42.90 6.17 -10.54
C PHE B 58 42.56 4.80 -9.96
N LEU B 59 42.80 3.76 -10.73
CA LEU B 59 42.52 2.40 -10.30
C LEU B 59 43.26 2.00 -9.03
N LYS B 60 44.49 2.46 -8.90
CA LYS B 60 45.29 2.16 -7.72
C LYS B 60 44.59 2.69 -6.47
N GLU B 61 44.14 3.93 -6.54
CA GLU B 61 43.44 4.56 -5.41
C GLU B 61 42.09 3.90 -5.17
N ALA B 62 41.35 3.64 -6.25
CA ALA B 62 40.05 3.02 -6.12
C ALA B 62 40.17 1.60 -5.56
N ALA B 63 41.33 0.98 -5.78
CA ALA B 63 41.56 -0.38 -5.28
C ALA B 63 41.53 -0.37 -3.76
N VAL B 64 42.10 0.66 -3.16
CA VAL B 64 42.12 0.80 -1.71
C VAL B 64 40.70 1.01 -1.20
N MET B 65 39.95 1.86 -1.89
CA MET B 65 38.57 2.13 -1.50
C MET B 65 37.71 0.89 -1.62
N LYS B 66 38.04 0.04 -2.60
CA LYS B 66 37.28 -1.19 -2.83
C LYS B 66 37.37 -2.15 -1.65
N GLU B 67 38.45 -2.05 -0.88
CA GLU B 67 38.61 -2.93 0.27
C GLU B 67 38.07 -2.36 1.57
N ILE B 68 37.42 -1.20 1.49
CA ILE B 68 36.82 -0.60 2.68
C ILE B 68 35.46 -1.26 2.85
N LYS B 69 35.39 -2.23 3.75
CA LYS B 69 34.15 -2.98 3.99
C LYS B 69 33.75 -2.92 5.46
N HIS B 70 32.66 -2.22 5.72
CA HIS B 70 32.16 -2.03 7.07
C HIS B 70 30.67 -1.76 6.94
N PRO B 71 29.87 -2.15 7.95
CA PRO B 71 28.41 -1.95 7.90
C PRO B 71 27.96 -0.50 7.78
N ASN B 72 28.80 0.46 8.16
CA ASN B 72 28.40 1.85 8.09
C ASN B 72 29.19 2.72 7.11
N LEU B 73 29.80 2.07 6.13
CA LEU B 73 30.54 2.78 5.10
C LEU B 73 29.93 2.39 3.76
N VAL B 74 29.50 3.38 2.98
CA VAL B 74 28.89 3.10 1.67
C VAL B 74 29.88 2.32 0.83
N GLN B 75 29.47 1.13 0.40
CA GLN B 75 30.33 0.27 -0.38
C GLN B 75 30.54 0.65 -1.83
N LEU B 76 31.79 0.56 -2.26
CA LEU B 76 32.14 0.82 -3.66
C LEU B 76 31.87 -0.49 -4.39
N LEU B 77 30.99 -0.43 -5.39
CA LEU B 77 30.65 -1.63 -6.15
C LEU B 77 31.49 -1.76 -7.41
N GLY B 78 31.93 -0.63 -7.95
CA GLY B 78 32.76 -0.68 -9.15
C GLY B 78 32.99 0.67 -9.79
N VAL B 79 33.76 0.68 -10.88
CA VAL B 79 34.04 1.90 -11.62
C VAL B 79 34.03 1.67 -13.12
N CYS B 80 33.87 2.74 -13.87
CA CYS B 80 33.86 2.71 -15.33
C CYS B 80 35.04 3.57 -15.77
N THR B 81 36.10 2.92 -16.27
CA THR B 81 37.29 3.64 -16.70
C THR B 81 37.66 3.36 -18.14
N ARG B 82 36.76 2.72 -18.89
CA ARG B 82 37.03 2.42 -20.30
C ARG B 82 37.32 3.73 -21.01
N GLU B 83 36.55 4.75 -20.68
CA GLU B 83 36.69 6.07 -21.29
C GLU B 83 36.47 7.17 -20.25
N PRO B 84 37.36 8.18 -20.24
CA PRO B 84 37.25 9.30 -19.29
C PRO B 84 36.15 10.27 -19.74
N PRO B 85 35.50 10.97 -18.80
CA PRO B 85 35.72 10.92 -17.34
C PRO B 85 35.11 9.63 -16.75
N PHE B 86 35.71 9.15 -15.67
CA PHE B 86 35.29 7.91 -15.03
C PHE B 86 34.01 7.96 -14.19
N TYR B 87 33.37 6.80 -14.05
CA TYR B 87 32.16 6.65 -13.24
C TYR B 87 32.49 5.83 -11.99
N ILE B 88 31.85 6.16 -10.89
CA ILE B 88 32.04 5.41 -9.64
C ILE B 88 30.68 4.88 -9.23
N ILE B 89 30.57 3.57 -9.08
CA ILE B 89 29.28 2.98 -8.70
C ILE B 89 29.33 2.51 -7.25
N THR B 90 28.38 2.97 -6.45
CA THR B 90 28.32 2.63 -5.02
C THR B 90 26.92 2.17 -4.62
N GLU B 91 26.80 1.57 -3.44
CA GLU B 91 25.50 1.11 -3.00
C GLU B 91 24.55 2.28 -2.83
N PHE B 92 23.30 2.05 -3.24
CA PHE B 92 22.27 3.08 -3.19
C PHE B 92 21.66 3.22 -1.80
N MET B 93 21.64 4.45 -1.28
CA MET B 93 21.06 4.71 0.04
C MET B 93 19.70 5.38 -0.18
N THR B 94 18.64 4.62 0.07
CA THR B 94 17.26 5.05 -0.14
C THR B 94 16.76 6.39 0.42
N TYR B 95 17.30 6.83 1.55
CA TYR B 95 16.81 8.09 2.12
C TYR B 95 17.66 9.36 1.90
N GLY B 96 18.58 9.30 0.95
CA GLY B 96 19.40 10.45 0.63
C GLY B 96 20.41 10.88 1.68
N ASN B 97 20.88 12.11 1.59
CA ASN B 97 21.89 12.61 2.53
C ASN B 97 21.29 12.98 3.88
N LEU B 98 22.12 12.84 4.91
CA LEU B 98 21.72 13.12 6.28
C LEU B 98 21.31 14.57 6.55
N LEU B 99 21.98 15.52 5.90
CA LEU B 99 21.65 16.93 6.10
C LEU B 99 20.19 17.21 5.77
N ASP B 100 19.79 16.90 4.54
CA ASP B 100 18.41 17.14 4.14
C ASP B 100 17.44 16.27 4.93
N TYR B 101 17.87 15.05 5.27
CA TYR B 101 17.05 14.14 6.05
C TYR B 101 16.68 14.76 7.39
N LEU B 102 17.68 15.31 8.08
CA LEU B 102 17.47 15.93 9.38
C LEU B 102 16.61 17.19 9.30
N ARG B 103 16.85 18.04 8.32
CA ARG B 103 16.08 19.26 8.21
C ARG B 103 14.66 19.04 7.69
N GLU B 104 14.36 17.80 7.31
CA GLU B 104 13.03 17.45 6.79
C GLU B 104 12.29 16.43 7.66
N CYS B 105 13.05 15.62 8.39
CA CYS B 105 12.50 14.57 9.22
C CYS B 105 11.47 14.99 10.27
N ASN B 106 10.69 14.01 10.73
CA ASN B 106 9.71 14.24 11.77
C ASN B 106 10.55 14.06 13.03
N ARG B 107 10.58 15.07 13.89
CA ARG B 107 11.41 15.00 15.08
C ARG B 107 10.89 14.09 16.19
N GLN B 108 9.63 13.72 16.11
CA GLN B 108 9.06 12.82 17.09
C GLN B 108 9.69 11.47 16.80
N GLU B 109 9.73 11.13 15.51
CA GLU B 109 10.32 9.88 15.07
C GLU B 109 11.83 9.93 15.33
N VAL B 110 12.47 10.94 14.76
CA VAL B 110 13.91 11.14 14.90
C VAL B 110 14.18 11.94 16.18
N ASN B 111 14.14 11.25 17.32
CA ASN B 111 14.36 11.90 18.61
C ASN B 111 15.79 11.85 19.11
N ALA B 112 15.99 12.28 20.36
CA ALA B 112 17.31 12.32 20.97
C ALA B 112 18.04 10.97 20.91
N VAL B 113 17.31 9.88 21.10
CA VAL B 113 17.93 8.56 21.05
C VAL B 113 18.37 8.21 19.63
N VAL B 114 17.60 8.68 18.64
CA VAL B 114 17.94 8.41 17.25
C VAL B 114 19.20 9.20 16.85
N LEU B 115 19.27 10.45 17.28
CA LEU B 115 20.44 11.28 16.97
C LEU B 115 21.69 10.59 17.50
N LEU B 116 21.59 10.07 18.73
CA LEU B 116 22.72 9.36 19.34
C LEU B 116 23.06 8.12 18.53
N TYR B 117 22.04 7.39 18.11
CA TYR B 117 22.27 6.18 17.32
C TYR B 117 23.01 6.55 16.02
N MET B 118 22.63 7.67 15.44
CA MET B 118 23.26 8.12 14.20
C MET B 118 24.72 8.48 14.44
N ALA B 119 24.99 9.23 15.51
CA ALA B 119 26.36 9.62 15.81
C ALA B 119 27.20 8.38 16.10
N THR B 120 26.61 7.42 16.79
CA THR B 120 27.32 6.18 17.12
C THR B 120 27.70 5.40 15.88
N GLN B 121 26.81 5.33 14.90
CA GLN B 121 27.08 4.61 13.66
C GLN B 121 28.20 5.29 12.87
N ILE B 122 28.14 6.61 12.83
CA ILE B 122 29.15 7.39 12.11
C ILE B 122 30.52 7.22 12.76
N SER B 123 30.59 7.24 14.08
CA SER B 123 31.89 7.08 14.74
C SER B 123 32.42 5.66 14.55
N SER B 124 31.52 4.70 14.34
CA SER B 124 31.97 3.33 14.12
C SER B 124 32.64 3.28 12.75
N ALA B 125 32.03 3.93 11.78
CA ALA B 125 32.56 3.98 10.42
C ALA B 125 33.92 4.67 10.41
N MET B 126 34.01 5.78 11.14
CA MET B 126 35.27 6.53 11.16
C MET B 126 36.34 5.80 11.94
N GLU B 127 35.93 4.99 12.92
CA GLU B 127 36.90 4.22 13.69
C GLU B 127 37.56 3.23 12.74
N TYR B 128 36.79 2.73 11.77
CA TYR B 128 37.30 1.78 10.80
C TYR B 128 38.29 2.46 9.84
N LEU B 129 37.91 3.61 9.29
CA LEU B 129 38.80 4.33 8.37
C LEU B 129 40.09 4.64 9.11
N GLU B 130 39.97 4.98 10.39
CA GLU B 130 41.13 5.26 11.21
C GLU B 130 42.02 4.03 11.31
N LYS B 131 41.40 2.86 11.50
CA LYS B 131 42.14 1.61 11.61
C LYS B 131 42.98 1.39 10.36
N LYS B 132 42.40 1.71 9.20
CA LYS B 132 43.07 1.52 7.93
C LYS B 132 43.87 2.74 7.48
N ASN B 133 44.08 3.68 8.39
CA ASN B 133 44.82 4.91 8.10
C ASN B 133 44.30 5.54 6.82
N PHE B 134 42.98 5.57 6.70
CA PHE B 134 42.32 6.12 5.51
C PHE B 134 41.70 7.48 5.87
N ILE B 135 42.16 8.54 5.21
CA ILE B 135 41.65 9.87 5.48
C ILE B 135 40.43 10.15 4.63
N HIS B 136 39.33 10.54 5.28
CA HIS B 136 38.11 10.85 4.57
C HIS B 136 38.28 12.14 3.79
N ARG B 137 38.64 13.22 4.49
CA ARG B 137 38.86 14.54 3.91
C ARG B 137 37.61 15.36 3.65
N ASP B 138 36.45 14.72 3.58
CA ASP B 138 35.21 15.43 3.30
C ASP B 138 34.08 15.08 4.26
N LEU B 139 34.41 14.79 5.52
CA LEU B 139 33.39 14.39 6.48
C LEU B 139 32.45 15.55 6.85
N ALA B 140 31.16 15.31 6.64
CA ALA B 140 30.12 16.29 6.94
C ALA B 140 28.76 15.60 6.76
N ALA B 141 27.70 16.22 7.26
CA ALA B 141 26.38 15.64 7.14
C ALA B 141 26.05 15.34 5.68
N ARG B 142 26.49 16.22 4.78
CA ARG B 142 26.24 16.03 3.35
C ARG B 142 26.86 14.74 2.85
N ASN B 143 27.84 14.20 3.58
CA ASN B 143 28.48 12.97 3.18
C ASN B 143 28.13 11.76 4.06
N CYS B 144 26.97 11.85 4.69
CA CYS B 144 26.44 10.75 5.48
C CYS B 144 25.12 10.47 4.77
N LEU B 145 24.85 9.20 4.51
CA LEU B 145 23.63 8.80 3.80
C LEU B 145 22.73 7.95 4.70
N VAL B 146 21.42 8.09 4.52
CA VAL B 146 20.45 7.38 5.33
C VAL B 146 19.77 6.22 4.61
N GLY B 147 19.62 5.12 5.34
CA GLY B 147 18.96 3.95 4.81
C GLY B 147 17.70 3.65 5.59
N GLU B 148 17.27 2.40 5.56
CA GLU B 148 16.07 1.99 6.28
C GLU B 148 16.33 1.92 7.78
N ASN B 149 15.29 2.22 8.56
CA ASN B 149 15.37 2.17 10.02
C ASN B 149 16.51 2.99 10.61
N HIS B 150 16.64 4.24 10.20
CA HIS B 150 17.66 5.15 10.70
C HIS B 150 19.09 4.64 10.51
N LEU B 151 19.30 3.81 9.51
CA LEU B 151 20.61 3.28 9.22
C LEU B 151 21.41 4.47 8.65
N VAL B 152 22.66 4.63 9.07
CA VAL B 152 23.46 5.74 8.56
C VAL B 152 24.83 5.24 8.10
N LYS B 153 25.22 5.62 6.90
CA LYS B 153 26.50 5.21 6.37
C LYS B 153 27.28 6.42 5.89
N VAL B 154 28.57 6.45 6.18
CA VAL B 154 29.43 7.54 5.75
C VAL B 154 29.82 7.25 4.30
N ALA B 155 29.73 8.27 3.45
CA ALA B 155 30.06 8.09 2.04
C ALA B 155 31.15 9.01 1.52
N ASP B 156 31.52 8.76 0.26
CA ASP B 156 32.51 9.55 -0.45
C ASP B 156 33.83 9.76 0.26
N PHE B 157 34.25 8.75 1.00
CA PHE B 157 35.53 8.82 1.71
C PHE B 157 36.70 8.76 0.74
N GLY B 158 37.59 9.74 0.86
CA GLY B 158 38.77 9.81 0.02
C GLY B 158 38.52 10.18 -1.43
N LEU B 159 37.28 10.56 -1.76
CA LEU B 159 36.94 10.91 -3.15
C LEU B 159 37.90 11.93 -3.75
N SER B 160 38.39 12.86 -2.93
CA SER B 160 39.31 13.89 -3.40
C SER B 160 40.58 13.31 -4.02
N ARG B 161 40.98 12.12 -3.61
CA ARG B 161 42.19 11.51 -4.15
C ARG B 161 41.97 10.84 -5.51
N LEU B 162 40.73 10.91 -6.00
CA LEU B 162 40.37 10.32 -7.28
C LEU B 162 40.32 11.38 -8.39
N MET B 163 40.77 12.59 -8.08
CA MET B 163 40.78 13.69 -9.03
C MET B 163 42.10 14.45 -8.82
N THR B 164 42.74 14.88 -9.91
CA THR B 164 44.00 15.61 -9.80
C THR B 164 43.98 16.93 -10.57
N GLY B 165 42.91 17.16 -11.31
CA GLY B 165 42.82 18.38 -12.09
C GLY B 165 42.66 19.69 -11.36
N ASP B 166 42.09 19.66 -10.15
CA ASP B 166 41.87 20.88 -9.37
C ASP B 166 42.93 21.16 -8.31
N THR B 167 43.78 20.19 -8.01
CA THR B 167 44.80 20.34 -6.98
C THR B 167 45.45 21.71 -6.80
N TYR B 168 45.78 22.39 -7.90
CA TYR B 168 46.44 23.69 -7.79
C TYR B 168 45.58 24.91 -8.17
N THR B 169 45.92 26.05 -7.57
CA THR B 169 45.22 27.31 -7.83
C THR B 169 46.18 28.48 -7.70
N ALA B 170 46.00 29.49 -8.55
CA ALA B 170 46.84 30.68 -8.53
C ALA B 170 46.35 31.65 -7.46
N HIS B 171 45.14 31.43 -6.98
CA HIS B 171 44.55 32.29 -5.96
C HIS B 171 45.27 32.03 -4.64
N ALA B 172 45.56 33.10 -3.90
CA ALA B 172 46.26 32.98 -2.62
C ALA B 172 45.61 31.93 -1.73
N GLY B 173 46.43 31.12 -1.07
CA GLY B 173 45.89 30.09 -0.19
C GLY B 173 45.34 28.91 -0.96
N ALA B 174 44.19 28.39 -0.52
CA ALA B 174 43.56 27.25 -1.18
C ALA B 174 42.06 27.28 -0.89
N LYS B 175 41.28 26.48 -1.61
CA LYS B 175 39.83 26.44 -1.39
C LYS B 175 39.43 25.30 -0.45
N PHE B 176 38.54 25.58 0.49
CA PHE B 176 38.07 24.58 1.46
C PHE B 176 36.60 24.75 1.82
N PRO B 177 36.00 23.70 2.39
CA PRO B 177 34.60 23.77 2.84
C PRO B 177 34.93 24.27 4.26
N ILE B 178 35.30 25.54 4.29
CA ILE B 178 35.77 26.25 5.48
C ILE B 178 35.31 25.88 6.87
N LYS B 179 34.00 25.88 7.09
CA LYS B 179 33.49 25.59 8.41
C LYS B 179 33.59 24.16 8.95
N TRP B 180 34.09 23.25 8.12
CA TRP B 180 34.28 21.84 8.51
C TRP B 180 35.77 21.51 8.55
N THR B 181 36.60 22.49 8.19
CA THR B 181 38.04 22.29 8.10
C THR B 181 38.85 22.65 9.34
N ALA B 182 39.65 21.70 9.82
CA ALA B 182 40.50 21.93 11.00
C ALA B 182 41.49 23.06 10.73
N PRO B 183 41.85 23.84 11.76
CA PRO B 183 42.78 24.97 11.61
C PRO B 183 44.09 24.66 10.91
N GLU B 184 44.74 23.56 11.29
CA GLU B 184 46.02 23.20 10.68
C GLU B 184 45.82 22.89 9.20
N SER B 185 44.63 22.42 8.85
CA SER B 185 44.34 22.12 7.45
C SER B 185 44.14 23.42 6.70
N LEU B 186 43.47 24.36 7.33
CA LEU B 186 43.23 25.66 6.72
C LEU B 186 44.54 26.41 6.53
N ALA B 187 45.44 26.28 7.51
CA ALA B 187 46.73 26.96 7.45
C ALA B 187 47.75 26.35 6.50
N TYR B 188 47.80 25.03 6.37
CA TYR B 188 48.78 24.40 5.50
C TYR B 188 48.23 23.54 4.36
N ASN B 189 46.92 23.44 4.27
CA ASN B 189 46.29 22.65 3.23
C ASN B 189 46.79 21.19 3.27
N LYS B 190 46.87 20.66 4.48
CA LYS B 190 47.30 19.28 4.72
C LYS B 190 46.26 18.62 5.63
N PHE B 191 45.98 17.35 5.39
CA PHE B 191 44.97 16.65 6.17
C PHE B 191 45.42 15.36 6.84
N SER B 192 44.67 14.93 7.83
CA SER B 192 44.97 13.72 8.58
C SER B 192 43.73 13.13 9.23
N ILE B 193 43.89 12.00 9.91
CA ILE B 193 42.77 11.39 10.59
C ILE B 193 42.28 12.41 11.62
N LYS B 194 43.22 13.17 12.19
CA LYS B 194 42.85 14.17 13.18
C LYS B 194 42.04 15.32 12.60
N SER B 195 42.22 15.65 11.32
CA SER B 195 41.41 16.73 10.76
C SER B 195 40.03 16.15 10.49
N ASP B 196 39.97 14.84 10.29
CA ASP B 196 38.69 14.16 10.11
C ASP B 196 37.97 14.23 11.47
N VAL B 197 38.73 14.10 12.56
CA VAL B 197 38.12 14.18 13.89
C VAL B 197 37.48 15.55 14.09
N TRP B 198 38.18 16.59 13.68
CA TRP B 198 37.65 17.95 13.81
C TRP B 198 36.34 18.07 13.03
N ALA B 199 36.34 17.55 11.81
CA ALA B 199 35.15 17.58 10.96
C ALA B 199 34.01 16.81 11.61
N PHE B 200 34.36 15.73 12.32
CA PHE B 200 33.35 14.93 13.01
C PHE B 200 32.69 15.79 14.08
N GLY B 201 33.49 16.62 14.73
CA GLY B 201 32.95 17.51 15.74
C GLY B 201 31.90 18.42 15.13
N VAL B 202 32.17 18.96 13.94
CA VAL B 202 31.21 19.84 13.27
C VAL B 202 29.96 19.05 12.87
N LEU B 203 30.15 17.81 12.46
CA LEU B 203 29.05 16.93 12.07
C LEU B 203 28.13 16.69 13.27
N LEU B 204 28.72 16.54 14.45
CA LEU B 204 27.92 16.35 15.65
C LEU B 204 27.03 17.57 15.88
N TRP B 205 27.55 18.75 15.54
CA TRP B 205 26.79 19.97 15.71
C TRP B 205 25.63 19.99 14.69
N GLU B 206 25.90 19.53 13.48
CA GLU B 206 24.85 19.50 12.45
C GLU B 206 23.71 18.59 12.87
N ILE B 207 24.06 17.44 13.44
CA ILE B 207 23.09 16.46 13.90
C ILE B 207 22.26 17.04 15.04
N ALA B 208 22.92 17.62 16.04
CA ALA B 208 22.24 18.21 17.20
C ALA B 208 21.27 19.33 16.83
N THR B 209 21.62 20.12 15.83
CA THR B 209 20.78 21.23 15.41
C THR B 209 19.84 20.82 14.29
N TYR B 210 19.77 19.52 14.01
CA TYR B 210 18.91 19.01 12.97
C TYR B 210 19.22 19.59 11.59
N GLY B 211 20.51 19.77 11.30
CA GLY B 211 20.90 20.26 9.99
C GLY B 211 21.11 21.74 9.76
N MET B 212 21.40 22.50 10.81
CA MET B 212 21.65 23.93 10.61
C MET B 212 23.06 24.14 10.05
N SER B 213 23.33 25.34 9.54
CA SER B 213 24.65 25.67 9.00
C SER B 213 25.55 26.15 10.12
N PRO B 214 26.78 25.65 10.19
CA PRO B 214 27.78 26.02 11.21
C PRO B 214 28.08 27.51 11.30
N TYR B 215 28.54 27.95 12.47
CA TYR B 215 28.90 29.34 12.75
C TYR B 215 27.97 30.33 12.04
N PRO B 216 26.67 30.28 12.36
CA PRO B 216 25.69 31.17 11.74
C PRO B 216 26.02 32.66 11.84
N GLY B 217 25.91 33.35 10.71
CA GLY B 217 26.19 34.77 10.65
C GLY B 217 27.67 35.09 10.49
N ILE B 218 28.54 34.11 10.69
CA ILE B 218 29.98 34.32 10.57
C ILE B 218 30.50 34.07 9.15
N ASP B 219 31.05 35.11 8.52
CA ASP B 219 31.59 34.96 7.16
C ASP B 219 32.77 33.99 7.16
N LEU B 220 32.89 33.21 6.09
CA LEU B 220 33.96 32.22 5.98
C LEU B 220 35.34 32.77 6.28
N SER B 221 35.57 34.02 5.89
CA SER B 221 36.88 34.66 6.06
C SER B 221 37.28 34.97 7.50
N GLN B 222 36.32 34.93 8.43
CA GLN B 222 36.62 35.25 9.81
C GLN B 222 36.66 34.06 10.75
N VAL B 223 36.41 32.87 10.19
CA VAL B 223 36.41 31.64 10.99
C VAL B 223 37.76 31.27 11.58
N TYR B 224 38.80 31.21 10.76
CA TYR B 224 40.11 30.82 11.26
C TYR B 224 40.59 31.63 12.46
N GLU B 225 40.54 32.96 12.37
CA GLU B 225 41.00 33.80 13.46
C GLU B 225 40.19 33.56 14.73
N LEU B 226 38.89 33.29 14.57
CA LEU B 226 38.05 33.02 15.72
C LEU B 226 38.51 31.71 16.38
N LEU B 227 38.71 30.67 15.57
CA LEU B 227 39.15 29.40 16.11
C LEU B 227 40.50 29.58 16.78
N GLU B 228 41.38 30.30 16.11
CA GLU B 228 42.72 30.57 16.62
C GLU B 228 42.70 31.23 18.00
N LYS B 229 41.67 32.04 18.25
CA LYS B 229 41.56 32.71 19.54
C LYS B 229 40.65 31.99 20.53
N ASP B 230 40.45 30.70 20.28
CA ASP B 230 39.65 29.81 21.12
C ASP B 230 38.14 29.88 21.05
N TYR B 231 37.60 30.54 20.04
CA TYR B 231 36.15 30.57 19.90
C TYR B 231 35.70 29.21 19.36
N ARG B 232 34.56 28.72 19.83
CA ARG B 232 34.01 27.44 19.37
C ARG B 232 32.51 27.61 19.45
N MET B 233 31.76 26.90 18.60
CA MET B 233 30.32 27.03 18.63
C MET B 233 29.75 26.61 19.99
N GLU B 234 28.78 27.36 20.48
CA GLU B 234 28.15 27.08 21.76
C GLU B 234 27.30 25.81 21.69
N ARG B 235 26.99 25.25 22.85
CA ARG B 235 26.20 24.03 22.94
C ARG B 235 24.79 24.23 22.37
N PRO B 236 24.42 23.43 21.36
CA PRO B 236 23.10 23.55 20.74
C PRO B 236 21.99 23.36 21.77
N GLU B 237 20.90 24.12 21.61
CA GLU B 237 19.79 24.03 22.53
C GLU B 237 19.29 22.58 22.55
N GLY B 238 19.37 21.94 23.71
CA GLY B 238 18.92 20.57 23.82
C GLY B 238 20.00 19.53 23.63
N CYS B 239 21.23 19.98 23.40
CA CYS B 239 22.33 19.04 23.20
C CYS B 239 22.85 18.54 24.54
N PRO B 240 22.82 17.21 24.76
CA PRO B 240 23.32 16.67 26.03
C PRO B 240 24.77 17.06 26.27
N GLU B 241 25.05 17.47 27.50
CA GLU B 241 26.39 17.88 27.92
C GLU B 241 27.50 16.95 27.46
N LYS B 242 27.34 15.66 27.69
CA LYS B 242 28.37 14.69 27.29
C LYS B 242 28.69 14.75 25.81
N VAL B 243 27.67 14.93 24.96
CA VAL B 243 27.88 15.02 23.54
C VAL B 243 28.61 16.32 23.20
N TYR B 244 28.28 17.41 23.90
CA TYR B 244 28.96 18.68 23.64
C TYR B 244 30.41 18.57 24.10
N GLU B 245 30.63 17.81 25.16
CA GLU B 245 31.98 17.62 25.68
C GLU B 245 32.80 16.95 24.57
N LEU B 246 32.19 16.01 23.85
CA LEU B 246 32.88 15.33 22.76
C LEU B 246 33.16 16.30 21.61
N MET B 247 32.20 17.19 21.34
CA MET B 247 32.39 18.18 20.29
C MET B 247 33.65 18.99 20.60
N ARG B 248 33.71 19.52 21.81
CA ARG B 248 34.84 20.33 22.23
C ARG B 248 36.16 19.58 22.17
N ALA B 249 36.14 18.29 22.47
CA ALA B 249 37.35 17.47 22.43
C ALA B 249 37.80 17.35 20.97
N CYS B 250 36.84 17.15 20.07
CA CYS B 250 37.16 17.05 18.65
C CYS B 250 37.72 18.38 18.14
N TRP B 251 37.33 19.48 18.79
CA TRP B 251 37.79 20.79 18.36
C TRP B 251 39.00 21.34 19.11
N GLN B 252 39.81 20.45 19.69
CA GLN B 252 41.00 20.92 20.38
C GLN B 252 41.94 21.51 19.33
N TRP B 253 42.59 22.62 19.66
CA TRP B 253 43.49 23.25 18.70
C TRP B 253 44.57 22.31 18.18
N ASN B 254 45.32 21.67 19.09
CA ASN B 254 46.37 20.75 18.72
C ASN B 254 45.78 19.38 18.33
N PRO B 255 46.04 18.92 17.11
CA PRO B 255 45.52 17.63 16.64
C PRO B 255 45.85 16.46 17.56
N SER B 256 47.00 16.55 18.23
CA SER B 256 47.43 15.50 19.15
C SER B 256 46.55 15.44 20.40
N ASP B 257 45.86 16.54 20.71
CA ASP B 257 44.97 16.56 21.87
C ASP B 257 43.58 16.03 21.58
N ARG B 258 43.26 15.90 20.29
CA ARG B 258 41.94 15.39 19.90
C ARG B 258 41.92 13.90 20.10
N PRO B 259 40.76 13.37 20.53
CA PRO B 259 40.63 11.92 20.76
C PRO B 259 40.64 11.17 19.44
N SER B 260 40.86 9.86 19.51
CA SER B 260 40.85 9.04 18.31
C SER B 260 39.39 8.68 18.06
N PHE B 261 39.10 8.15 16.88
CA PHE B 261 37.75 7.75 16.57
C PHE B 261 37.39 6.50 17.38
N ALA B 262 38.39 5.69 17.73
CA ALA B 262 38.13 4.51 18.54
C ALA B 262 37.56 4.96 19.89
N GLU B 263 38.17 6.00 20.47
CA GLU B 263 37.73 6.53 21.75
C GLU B 263 36.38 7.23 21.64
N ILE B 264 36.18 7.96 20.55
CA ILE B 264 34.92 8.66 20.34
C ILE B 264 33.79 7.66 20.21
N HIS B 265 34.03 6.59 19.47
CA HIS B 265 32.99 5.56 19.28
C HIS B 265 32.63 4.91 20.60
N GLN B 266 33.66 4.58 21.39
CA GLN B 266 33.45 3.96 22.69
C GLN B 266 32.56 4.86 23.55
N ALA B 267 32.88 6.15 23.56
CA ALA B 267 32.11 7.13 24.34
C ALA B 267 30.65 7.18 23.88
N PHE B 268 30.43 7.13 22.57
CA PHE B 268 29.07 7.18 22.05
C PHE B 268 28.32 5.89 22.32
N GLU B 269 29.00 4.76 22.20
CA GLU B 269 28.38 3.46 22.47
C GLU B 269 27.84 3.47 23.89
N THR B 270 28.67 3.91 24.82
CA THR B 270 28.30 3.99 26.22
C THR B 270 27.09 4.91 26.42
N MET B 271 27.15 6.09 25.83
CA MET B 271 26.04 7.05 25.94
C MET B 271 24.76 6.53 25.30
N PHE B 272 24.91 5.75 24.24
CA PHE B 272 23.74 5.21 23.56
C PHE B 272 23.11 4.09 24.38
N GLN B 273 23.95 3.31 25.07
CA GLN B 273 23.44 2.22 25.89
C GLN B 273 22.61 2.76 27.05
N GLU B 274 23.26 3.48 27.96
CA GLU B 274 22.58 4.04 29.12
C GLU B 274 21.45 5.02 28.77
N SER B 275 21.33 5.35 27.50
CA SER B 275 20.28 6.27 27.07
C SER B 275 19.02 5.48 26.70
N SER B 276 19.20 4.37 26.00
CA SER B 276 18.09 3.53 25.60
C SER B 276 17.30 3.11 26.84
N ILE B 277 18.01 2.99 27.95
CA ILE B 277 17.41 2.62 29.22
C ILE B 277 16.45 3.70 29.72
N TYR C 7 23.40 -27.76 -57.47
CA TYR C 7 23.47 -26.69 -56.43
C TYR C 7 24.90 -26.55 -55.91
N ASP C 8 25.84 -27.11 -56.66
CA ASP C 8 27.24 -27.06 -56.27
C ASP C 8 27.75 -25.64 -56.02
N LYS C 9 27.07 -24.65 -56.57
CA LYS C 9 27.47 -23.27 -56.40
C LYS C 9 27.20 -22.74 -54.98
N TRP C 10 26.38 -23.46 -54.21
CA TRP C 10 26.11 -23.04 -52.84
C TRP C 10 26.06 -24.17 -51.80
N GLU C 11 26.37 -25.39 -52.23
CA GLU C 11 26.38 -26.52 -51.29
C GLU C 11 27.77 -26.56 -50.68
N MET C 12 27.89 -26.08 -49.45
CA MET C 12 29.17 -26.03 -48.74
C MET C 12 29.44 -27.22 -47.84
N GLU C 13 30.67 -27.30 -47.36
CA GLU C 13 31.11 -28.35 -46.46
C GLU C 13 31.34 -27.68 -45.11
N ARG C 14 31.01 -28.38 -44.02
CA ARG C 14 31.19 -27.81 -42.70
C ARG C 14 32.63 -27.36 -42.49
N THR C 15 33.56 -28.07 -43.13
CA THR C 15 34.98 -27.78 -43.04
C THR C 15 35.34 -26.43 -43.67
N ASP C 16 34.53 -25.99 -44.63
CA ASP C 16 34.75 -24.73 -45.32
C ASP C 16 34.69 -23.51 -44.39
N ILE C 17 33.95 -23.63 -43.30
CA ILE C 17 33.81 -22.50 -42.38
C ILE C 17 34.39 -22.78 -40.99
N THR C 18 35.00 -21.75 -40.42
CA THR C 18 35.56 -21.85 -39.07
C THR C 18 34.50 -21.27 -38.16
N MET C 19 34.01 -22.09 -37.24
CA MET C 19 32.97 -21.66 -36.31
C MET C 19 33.57 -20.90 -35.14
N LYS C 20 32.95 -19.77 -34.81
CA LYS C 20 33.40 -18.97 -33.69
C LYS C 20 32.30 -18.95 -32.62
N HIS C 21 32.21 -17.87 -31.86
CA HIS C 21 31.21 -17.77 -30.80
C HIS C 21 29.75 -17.77 -31.26
N LYS C 22 28.89 -18.29 -30.40
CA LYS C 22 27.45 -18.34 -30.66
C LYS C 22 26.90 -16.93 -30.49
N LEU C 23 26.11 -16.48 -31.45
CA LEU C 23 25.52 -15.15 -31.40
C LEU C 23 24.15 -15.18 -30.73
N GLY C 24 23.53 -16.35 -30.72
CA GLY C 24 22.22 -16.49 -30.12
C GLY C 24 21.46 -17.65 -30.76
N GLY C 25 20.14 -17.61 -30.70
CA GLY C 25 19.36 -18.68 -31.27
C GLY C 25 17.87 -18.46 -31.19
N GLY C 26 17.12 -19.29 -31.90
CA GLY C 26 15.67 -19.18 -31.91
C GLY C 26 15.02 -20.54 -32.06
N GLN C 27 13.78 -20.55 -32.53
CA GLN C 27 13.05 -21.79 -32.69
C GLN C 27 13.63 -22.78 -33.69
N TYR C 28 14.39 -22.30 -34.67
CA TYR C 28 14.93 -23.18 -35.68
C TYR C 28 16.34 -23.71 -35.39
N GLY C 29 17.06 -23.01 -34.51
CA GLY C 29 18.40 -23.43 -34.19
C GLY C 29 19.23 -22.29 -33.63
N GLU C 30 20.53 -22.54 -33.48
CA GLU C 30 21.45 -21.55 -32.96
C GLU C 30 22.23 -20.92 -34.10
N VAL C 31 22.66 -19.69 -33.88
CA VAL C 31 23.42 -18.95 -34.87
C VAL C 31 24.81 -18.63 -34.33
N TYR C 32 25.82 -18.92 -35.14
CA TYR C 32 27.21 -18.68 -34.76
C TYR C 32 27.92 -17.78 -35.74
N GLU C 33 28.86 -16.99 -35.25
CA GLU C 33 29.65 -16.14 -36.13
C GLU C 33 30.64 -17.12 -36.72
N GLY C 34 30.88 -17.04 -38.02
CA GLY C 34 31.81 -17.94 -38.65
C GLY C 34 32.62 -17.24 -39.71
N VAL C 35 33.63 -17.94 -40.21
CA VAL C 35 34.49 -17.39 -41.25
C VAL C 35 34.61 -18.36 -42.41
N TRP C 36 34.17 -17.92 -43.58
CA TRP C 36 34.25 -18.74 -44.78
C TRP C 36 35.73 -18.69 -45.16
N LYS C 37 36.48 -19.73 -44.77
CA LYS C 37 37.91 -19.82 -45.01
C LYS C 37 38.36 -19.30 -46.36
N LYS C 38 37.77 -19.85 -47.40
CA LYS C 38 38.08 -19.51 -48.78
C LYS C 38 38.22 -18.01 -49.03
N TYR C 39 37.36 -17.21 -48.43
CA TYR C 39 37.41 -15.77 -48.61
C TYR C 39 37.74 -14.97 -47.36
N SER C 40 38.08 -15.66 -46.27
CA SER C 40 38.37 -14.98 -45.00
C SER C 40 37.18 -14.04 -44.74
N LEU C 41 36.00 -14.50 -45.15
CA LEU C 41 34.77 -13.72 -45.00
C LEU C 41 33.93 -14.09 -43.79
N THR C 42 33.65 -13.12 -42.93
CA THR C 42 32.82 -13.38 -41.75
C THR C 42 31.38 -13.58 -42.22
N VAL C 43 30.77 -14.67 -41.77
CA VAL C 43 29.39 -14.98 -42.13
C VAL C 43 28.63 -15.46 -40.90
N ALA C 44 27.31 -15.63 -41.06
CA ALA C 44 26.49 -16.13 -39.97
C ALA C 44 26.19 -17.58 -40.29
N VAL C 45 26.27 -18.44 -39.28
CA VAL C 45 26.02 -19.84 -39.49
C VAL C 45 24.91 -20.33 -38.58
N LYS C 46 23.77 -20.70 -39.16
CA LYS C 46 22.68 -21.21 -38.35
C LYS C 46 22.71 -22.73 -38.39
N THR C 47 22.88 -23.33 -37.22
CA THR C 47 22.90 -24.77 -37.11
C THR C 47 21.47 -25.18 -36.76
N LEU C 48 20.76 -25.70 -37.75
CA LEU C 48 19.37 -26.12 -37.59
C LEU C 48 19.23 -27.27 -36.58
N LYS C 49 18.11 -27.27 -35.88
CA LYS C 49 17.82 -28.33 -34.91
C LYS C 49 17.61 -29.63 -35.67
N GLU C 50 17.73 -30.77 -34.97
CA GLU C 50 17.52 -32.07 -35.59
C GLU C 50 16.11 -32.08 -36.16
N ASP C 51 15.98 -32.54 -37.39
CA ASP C 51 14.69 -32.53 -38.06
C ASP C 51 14.48 -33.73 -38.96
N THR C 52 13.27 -33.86 -39.49
CA THR C 52 12.90 -34.98 -40.35
C THR C 52 12.88 -34.72 -41.85
N MET C 53 13.09 -33.48 -42.28
CA MET C 53 13.03 -33.18 -43.70
C MET C 53 14.17 -33.82 -44.51
N GLU C 54 13.81 -34.37 -45.68
CA GLU C 54 14.77 -35.01 -46.57
C GLU C 54 15.66 -33.98 -47.26
N VAL C 55 16.90 -34.34 -47.52
CA VAL C 55 17.83 -33.42 -48.17
C VAL C 55 17.31 -32.87 -49.50
N GLU C 56 16.80 -33.73 -50.37
CA GLU C 56 16.29 -33.26 -51.65
C GLU C 56 15.16 -32.24 -51.52
N GLU C 57 14.28 -32.44 -50.55
CA GLU C 57 13.18 -31.51 -50.34
C GLU C 57 13.71 -30.21 -49.74
N PHE C 58 14.66 -30.35 -48.82
CA PHE C 58 15.30 -29.21 -48.17
C PHE C 58 15.97 -28.31 -49.22
N LEU C 59 16.80 -28.92 -50.06
CA LEU C 59 17.52 -28.21 -51.10
C LEU C 59 16.57 -27.55 -52.10
N LYS C 60 15.48 -28.23 -52.41
CA LYS C 60 14.49 -27.72 -53.34
C LYS C 60 13.92 -26.40 -52.82
N GLU C 61 13.60 -26.35 -51.54
CA GLU C 61 13.06 -25.14 -50.93
C GLU C 61 14.15 -24.08 -50.80
N ALA C 62 15.37 -24.50 -50.46
CA ALA C 62 16.46 -23.55 -50.32
C ALA C 62 16.83 -22.92 -51.66
N ALA C 63 16.67 -23.67 -52.74
CA ALA C 63 16.99 -23.15 -54.06
C ALA C 63 16.13 -21.92 -54.36
N VAL C 64 14.91 -21.92 -53.84
CA VAL C 64 14.00 -20.80 -54.03
C VAL C 64 14.54 -19.60 -53.26
N MET C 65 15.00 -19.86 -52.04
CA MET C 65 15.52 -18.82 -51.18
C MET C 65 16.80 -18.23 -51.76
N LYS C 66 17.60 -19.09 -52.40
CA LYS C 66 18.86 -18.67 -52.99
C LYS C 66 18.65 -17.63 -54.09
N GLU C 67 17.47 -17.64 -54.70
CA GLU C 67 17.17 -16.71 -55.78
C GLU C 67 16.60 -15.38 -55.30
N ILE C 68 16.42 -15.24 -53.99
CA ILE C 68 15.91 -14.00 -53.43
C ILE C 68 17.13 -13.06 -53.34
N LYS C 69 17.22 -12.14 -54.30
CA LYS C 69 18.35 -11.20 -54.36
C LYS C 69 17.84 -9.76 -54.39
N HIS C 70 18.06 -9.07 -53.27
CA HIS C 70 17.60 -7.70 -53.09
C HIS C 70 18.49 -7.06 -52.04
N PRO C 71 18.79 -5.76 -52.18
CA PRO C 71 19.65 -5.07 -51.21
C PRO C 71 19.17 -5.04 -49.76
N ASN C 72 17.90 -5.32 -49.52
CA ASN C 72 17.40 -5.29 -48.15
C ASN C 72 16.93 -6.64 -47.62
N LEU C 73 17.40 -7.71 -48.25
CA LEU C 73 17.07 -9.05 -47.81
C LEU C 73 18.39 -9.78 -47.59
N VAL C 74 18.58 -10.28 -46.37
CA VAL C 74 19.81 -10.98 -46.05
C VAL C 74 19.99 -12.12 -47.05
N GLN C 75 21.12 -12.12 -47.75
CA GLN C 75 21.38 -13.12 -48.76
C GLN C 75 21.81 -14.47 -48.22
N LEU C 76 21.26 -15.52 -48.83
CA LEU C 76 21.62 -16.88 -48.49
C LEU C 76 22.89 -17.15 -49.29
N LEU C 77 23.96 -17.55 -48.61
CA LEU C 77 25.24 -17.81 -49.25
C LEU C 77 25.44 -19.30 -49.54
N GLY C 78 24.92 -20.13 -48.64
CA GLY C 78 25.06 -21.56 -48.85
C GLY C 78 24.48 -22.39 -47.73
N VAL C 79 24.56 -23.71 -47.88
CA VAL C 79 24.06 -24.64 -46.89
C VAL C 79 24.98 -25.84 -46.80
N CYS C 80 24.91 -26.52 -45.66
CA CYS C 80 25.69 -27.72 -45.41
C CYS C 80 24.65 -28.83 -45.22
N THR C 81 24.57 -29.74 -46.18
CA THR C 81 23.61 -30.82 -46.10
C THR C 81 24.23 -32.20 -46.14
N ARG C 82 25.56 -32.27 -46.15
CA ARG C 82 26.23 -33.56 -46.19
C ARG C 82 25.89 -34.39 -44.96
N GLU C 83 25.70 -33.72 -43.84
CA GLU C 83 25.39 -34.37 -42.58
C GLU C 83 24.32 -33.59 -41.80
N PRO C 84 23.24 -34.27 -41.39
CA PRO C 84 22.16 -33.61 -40.64
C PRO C 84 22.52 -33.51 -39.16
N PRO C 85 22.00 -32.48 -38.46
CA PRO C 85 21.11 -31.42 -38.97
C PRO C 85 21.88 -30.46 -39.87
N PHE C 86 21.20 -29.94 -40.89
CA PHE C 86 21.81 -29.03 -41.84
C PHE C 86 22.16 -27.64 -41.31
N TYR C 87 23.10 -26.99 -41.99
CA TYR C 87 23.54 -25.63 -41.65
C TYR C 87 23.04 -24.68 -42.74
N ILE C 88 22.82 -23.44 -42.34
CA ILE C 88 22.40 -22.39 -43.25
C ILE C 88 23.39 -21.25 -43.09
N ILE C 89 24.09 -20.90 -44.16
CA ILE C 89 25.06 -19.82 -44.10
C ILE C 89 24.53 -18.57 -44.79
N THR C 90 24.47 -17.46 -44.05
CA THR C 90 23.98 -16.21 -44.62
C THR C 90 24.96 -15.07 -44.37
N GLU C 91 24.78 -13.97 -45.10
CA GLU C 91 25.67 -12.82 -44.94
C GLU C 91 25.58 -12.34 -43.50
N PHE C 92 26.72 -11.93 -42.97
CA PHE C 92 26.82 -11.45 -41.60
C PHE C 92 26.39 -9.98 -41.50
N MET C 93 25.48 -9.69 -40.57
CA MET C 93 25.02 -8.32 -40.36
C MET C 93 25.66 -7.83 -39.06
N THR C 94 26.67 -6.98 -39.20
CA THR C 94 27.46 -6.45 -38.09
C THR C 94 26.79 -5.86 -36.86
N TYR C 95 25.59 -5.32 -36.99
CA TYR C 95 24.94 -4.73 -35.82
C TYR C 95 23.80 -5.54 -35.19
N GLY C 96 23.73 -6.82 -35.54
CA GLY C 96 22.72 -7.69 -34.96
C GLY C 96 21.28 -7.38 -35.31
N ASN C 97 20.36 -7.97 -34.56
CA ASN C 97 18.93 -7.78 -34.81
C ASN C 97 18.44 -6.39 -34.40
N LEU C 98 17.43 -5.94 -35.14
CA LEU C 98 16.82 -4.62 -34.95
C LEU C 98 16.24 -4.40 -33.57
N LEU C 99 15.52 -5.38 -33.04
CA LEU C 99 14.91 -5.25 -31.72
C LEU C 99 15.93 -4.75 -30.68
N ASP C 100 17.02 -5.48 -30.52
CA ASP C 100 18.03 -5.10 -29.55
C ASP C 100 18.72 -3.80 -29.94
N TYR C 101 18.91 -3.59 -31.23
CA TYR C 101 19.55 -2.38 -31.73
C TYR C 101 18.77 -1.13 -31.27
N LEU C 102 17.46 -1.16 -31.47
CA LEU C 102 16.62 -0.03 -31.08
C LEU C 102 16.54 0.11 -29.56
N ARG C 103 16.71 -1.00 -28.86
CA ARG C 103 16.65 -0.99 -27.40
C ARG C 103 17.90 -0.40 -26.75
N GLU C 104 19.04 -0.55 -27.41
CA GLU C 104 20.31 -0.05 -26.88
C GLU C 104 20.83 1.15 -27.66
N CYS C 105 20.10 1.55 -28.68
CA CYS C 105 20.52 2.67 -29.52
C CYS C 105 20.49 4.03 -28.85
N ASN C 106 21.02 5.02 -29.57
CA ASN C 106 21.05 6.40 -29.13
C ASN C 106 19.91 7.08 -29.87
N ARG C 107 18.81 7.34 -29.17
CA ARG C 107 17.66 7.96 -29.80
C ARG C 107 17.93 9.32 -30.42
N GLN C 108 19.09 9.88 -30.11
CA GLN C 108 19.46 11.17 -30.69
C GLN C 108 19.96 10.86 -32.09
N GLU C 109 20.67 9.74 -32.21
CA GLU C 109 21.21 9.27 -33.48
C GLU C 109 20.09 8.62 -34.29
N VAL C 110 19.44 7.62 -33.69
CA VAL C 110 18.34 6.91 -34.32
C VAL C 110 17.06 7.73 -34.12
N ASN C 111 16.94 8.82 -34.87
CA ASN C 111 15.79 9.72 -34.76
C ASN C 111 14.61 9.32 -35.62
N ALA C 112 13.59 10.18 -35.62
CA ALA C 112 12.38 9.94 -36.40
C ALA C 112 12.67 9.68 -37.87
N VAL C 113 13.53 10.50 -38.46
CA VAL C 113 13.86 10.32 -39.88
C VAL C 113 14.48 8.94 -40.12
N VAL C 114 15.26 8.47 -39.16
CA VAL C 114 15.89 7.16 -39.29
C VAL C 114 14.84 6.05 -39.21
N LEU C 115 13.98 6.11 -38.20
CA LEU C 115 12.94 5.08 -38.04
C LEU C 115 12.13 4.99 -39.34
N LEU C 116 11.99 6.12 -40.02
CA LEU C 116 11.25 6.18 -41.27
C LEU C 116 12.09 5.50 -42.36
N TYR C 117 13.40 5.70 -42.29
CA TYR C 117 14.32 5.10 -43.24
C TYR C 117 14.28 3.58 -43.10
N MET C 118 14.34 3.10 -41.86
CA MET C 118 14.31 1.67 -41.58
C MET C 118 13.01 1.02 -42.06
N ALA C 119 11.88 1.69 -41.85
CA ALA C 119 10.60 1.14 -42.27
C ALA C 119 10.53 1.06 -43.79
N THR C 120 11.12 2.05 -44.45
CA THR C 120 11.13 2.09 -45.91
C THR C 120 11.92 0.92 -46.47
N GLN C 121 13.10 0.64 -45.90
CA GLN C 121 13.93 -0.46 -46.37
C GLN C 121 13.21 -1.78 -46.16
N ILE C 122 12.61 -1.94 -44.98
CA ILE C 122 11.88 -3.15 -44.66
C ILE C 122 10.74 -3.35 -45.65
N SER C 123 9.97 -2.30 -45.91
CA SER C 123 8.86 -2.41 -46.85
C SER C 123 9.35 -2.71 -48.27
N SER C 124 10.57 -2.24 -48.59
CA SER C 124 11.13 -2.49 -49.91
C SER C 124 11.44 -3.97 -50.02
N ALA C 125 12.01 -4.52 -48.95
CA ALA C 125 12.34 -5.95 -48.90
C ALA C 125 11.04 -6.74 -49.08
N MET C 126 10.02 -6.39 -48.30
CA MET C 126 8.75 -7.10 -48.35
C MET C 126 8.01 -6.95 -49.69
N GLU C 127 8.18 -5.80 -50.34
CA GLU C 127 7.53 -5.59 -51.63
C GLU C 127 8.13 -6.60 -52.62
N TYR C 128 9.42 -6.88 -52.46
CA TYR C 128 10.12 -7.83 -53.32
C TYR C 128 9.57 -9.25 -53.09
N LEU C 129 9.52 -9.67 -51.83
CA LEU C 129 8.99 -10.99 -51.52
C LEU C 129 7.56 -11.08 -52.06
N GLU C 130 6.81 -10.00 -51.91
CA GLU C 130 5.43 -9.96 -52.42
C GLU C 130 5.44 -10.27 -53.92
N LYS C 131 6.28 -9.56 -54.66
CA LYS C 131 6.39 -9.75 -56.11
C LYS C 131 6.75 -11.19 -56.45
N LYS C 132 7.56 -11.81 -55.59
CA LYS C 132 7.98 -13.19 -55.79
C LYS C 132 6.98 -14.19 -55.23
N ASN C 133 5.90 -13.69 -54.64
CA ASN C 133 4.88 -14.56 -54.05
C ASN C 133 5.56 -15.44 -53.00
N PHE C 134 6.52 -14.85 -52.30
CA PHE C 134 7.27 -15.57 -51.26
C PHE C 134 6.79 -15.12 -49.88
N ILE C 135 6.24 -16.05 -49.11
CA ILE C 135 5.74 -15.77 -47.77
C ILE C 135 6.87 -15.85 -46.74
N HIS C 136 7.05 -14.78 -45.97
CA HIS C 136 8.09 -14.74 -44.95
C HIS C 136 7.70 -15.66 -43.81
N ARG C 137 6.53 -15.37 -43.24
CA ARG C 137 5.93 -16.12 -42.15
C ARG C 137 6.46 -15.83 -40.75
N ASP C 138 7.60 -15.14 -40.65
CA ASP C 138 8.18 -14.81 -39.36
C ASP C 138 8.65 -13.37 -39.27
N LEU C 139 7.96 -12.47 -39.96
CA LEU C 139 8.34 -11.06 -39.93
C LEU C 139 8.16 -10.51 -38.53
N ALA C 140 9.21 -9.87 -38.02
CA ALA C 140 9.21 -9.26 -36.69
C ALA C 140 10.56 -8.56 -36.56
N ALA C 141 10.68 -7.66 -35.59
CA ALA C 141 11.94 -6.94 -35.40
C ALA C 141 13.09 -7.89 -35.18
N ARG C 142 12.82 -9.03 -34.55
CA ARG C 142 13.86 -10.03 -34.29
C ARG C 142 14.43 -10.61 -35.59
N ASN C 143 13.67 -10.48 -36.68
CA ASN C 143 14.14 -10.97 -37.96
C ASN C 143 14.53 -9.86 -38.93
N CYS C 144 14.89 -8.72 -38.36
CA CYS C 144 15.37 -7.59 -39.14
C CYS C 144 16.74 -7.38 -38.56
N LEU C 145 17.76 -7.30 -39.41
CA LEU C 145 19.12 -7.12 -38.93
C LEU C 145 19.68 -5.78 -39.43
N VAL C 146 20.63 -5.24 -38.69
CA VAL C 146 21.20 -3.94 -39.02
C VAL C 146 22.65 -3.97 -39.45
N GLY C 147 22.97 -3.15 -40.43
CA GLY C 147 24.33 -3.04 -40.93
C GLY C 147 24.85 -1.66 -40.62
N GLU C 148 25.89 -1.23 -41.32
CA GLU C 148 26.47 0.08 -41.10
C GLU C 148 25.55 1.12 -41.73
N ASN C 149 25.65 2.36 -41.25
CA ASN C 149 24.85 3.46 -41.77
C ASN C 149 23.35 3.18 -41.71
N HIS C 150 22.91 2.59 -40.60
CA HIS C 150 21.50 2.27 -40.39
C HIS C 150 20.88 1.41 -41.49
N LEU C 151 21.69 0.56 -42.11
CA LEU C 151 21.18 -0.33 -43.15
C LEU C 151 20.37 -1.41 -42.43
N VAL C 152 19.24 -1.80 -43.02
CA VAL C 152 18.39 -2.82 -42.42
C VAL C 152 18.00 -3.85 -43.46
N LYS C 153 18.16 -5.13 -43.13
CA LYS C 153 17.80 -6.19 -44.05
C LYS C 153 16.87 -7.21 -43.39
N VAL C 154 15.89 -7.68 -44.14
CA VAL C 154 14.96 -8.67 -43.61
C VAL C 154 15.61 -10.05 -43.73
N ALA C 155 15.58 -10.81 -42.64
CA ALA C 155 16.22 -12.12 -42.61
C ALA C 155 15.27 -13.27 -42.29
N ASP C 156 15.79 -14.48 -42.47
CA ASP C 156 15.08 -15.71 -42.17
C ASP C 156 13.70 -15.79 -42.81
N PHE C 157 13.59 -15.27 -44.02
CA PHE C 157 12.32 -15.34 -44.74
C PHE C 157 12.09 -16.78 -45.18
N GLY C 158 10.94 -17.33 -44.83
CA GLY C 158 10.61 -18.68 -45.22
C GLY C 158 11.36 -19.80 -44.50
N LEU C 159 12.09 -19.46 -43.44
CA LEU C 159 12.85 -20.48 -42.72
C LEU C 159 11.96 -21.64 -42.28
N SER C 160 10.73 -21.32 -41.89
CA SER C 160 9.78 -22.34 -41.42
C SER C 160 9.57 -23.47 -42.40
N ARG C 161 9.85 -23.24 -43.67
CA ARG C 161 9.66 -24.25 -44.69
C ARG C 161 10.88 -25.16 -44.89
N LEU C 162 11.93 -24.91 -44.10
CA LEU C 162 13.14 -25.73 -44.19
C LEU C 162 13.20 -26.72 -43.05
N MET C 163 12.05 -26.94 -42.41
CA MET C 163 11.94 -27.90 -41.31
C MET C 163 10.53 -28.49 -41.36
N THR C 164 10.40 -29.79 -41.12
CA THR C 164 9.10 -30.45 -41.16
C THR C 164 8.80 -31.30 -39.93
N GLY C 165 9.79 -31.49 -39.08
CA GLY C 165 9.58 -32.29 -37.88
C GLY C 165 8.56 -31.79 -36.86
N ASP C 166 8.13 -30.53 -36.97
CA ASP C 166 7.16 -29.99 -36.03
C ASP C 166 5.88 -29.48 -36.70
N THR C 167 5.55 -30.07 -37.86
CA THR C 167 4.35 -29.65 -38.60
C THR C 167 3.02 -30.07 -38.01
N TYR C 168 3.00 -31.22 -37.35
CA TYR C 168 1.77 -31.71 -36.71
C TYR C 168 1.77 -31.65 -35.17
N THR C 169 0.57 -31.48 -34.60
CA THR C 169 0.42 -31.44 -33.14
C THR C 169 -0.92 -32.01 -32.70
N ALA C 170 -0.93 -32.74 -31.60
CA ALA C 170 -2.17 -33.33 -31.10
C ALA C 170 -2.86 -32.31 -30.20
N HIS C 171 -2.07 -31.42 -29.62
CA HIS C 171 -2.57 -30.37 -28.74
C HIS C 171 -3.62 -29.50 -29.43
N ALA C 172 -4.52 -28.94 -28.64
CA ALA C 172 -5.61 -28.07 -29.09
C ALA C 172 -5.59 -27.64 -30.56
N GLY C 173 -4.96 -26.51 -30.83
CA GLY C 173 -4.89 -26.01 -32.19
C GLY C 173 -3.49 -26.04 -32.78
N ALA C 174 -2.73 -24.97 -32.57
CA ALA C 174 -1.37 -24.88 -33.07
C ALA C 174 -0.54 -23.87 -32.29
N LYS C 175 0.77 -23.87 -32.51
CA LYS C 175 1.68 -22.97 -31.82
C LYS C 175 2.15 -21.82 -32.72
N PHE C 176 2.11 -20.59 -32.22
CA PHE C 176 2.51 -19.42 -33.01
C PHE C 176 3.11 -18.31 -32.16
N PRO C 177 3.79 -17.36 -32.81
CA PRO C 177 4.37 -16.21 -32.10
C PRO C 177 3.14 -15.29 -32.11
N ILE C 178 2.19 -15.65 -31.26
CA ILE C 178 0.89 -15.00 -31.12
C ILE C 178 0.74 -13.52 -31.44
N LYS C 179 1.52 -12.68 -30.78
CA LYS C 179 1.38 -11.24 -30.97
C LYS C 179 1.77 -10.64 -32.32
N TRP C 180 2.32 -11.46 -33.20
CA TRP C 180 2.71 -11.04 -34.54
C TRP C 180 1.85 -11.76 -35.59
N THR C 181 1.02 -12.69 -35.13
CA THR C 181 0.20 -13.50 -36.03
C THR C 181 -1.21 -13.00 -36.35
N ALA C 182 -1.50 -12.86 -37.64
CA ALA C 182 -2.81 -12.40 -38.09
C ALA C 182 -3.94 -13.30 -37.58
N PRO C 183 -5.16 -12.73 -37.41
CA PRO C 183 -6.34 -13.47 -36.93
C PRO C 183 -6.65 -14.74 -37.71
N GLU C 184 -6.72 -14.63 -39.03
CA GLU C 184 -7.03 -15.79 -39.87
C GLU C 184 -5.95 -16.86 -39.73
N SER C 185 -4.71 -16.42 -39.51
CA SER C 185 -3.61 -17.36 -39.35
C SER C 185 -3.73 -18.10 -38.02
N LEU C 186 -4.10 -17.37 -36.97
CA LEU C 186 -4.27 -17.99 -35.66
C LEU C 186 -5.41 -19.00 -35.69
N ALA C 187 -6.50 -18.64 -36.35
CA ALA C 187 -7.67 -19.49 -36.42
C ALA C 187 -7.55 -20.68 -37.36
N TYR C 188 -6.94 -20.48 -38.52
CA TYR C 188 -6.81 -21.53 -39.53
C TYR C 188 -5.38 -22.03 -39.77
N ASN C 189 -4.41 -21.52 -39.03
CA ASN C 189 -3.01 -21.92 -39.19
C ASN C 189 -2.64 -21.92 -40.67
N LYS C 190 -3.01 -20.84 -41.35
CA LYS C 190 -2.73 -20.65 -42.77
C LYS C 190 -2.10 -19.27 -42.95
N PHE C 191 -1.04 -19.19 -43.73
CA PHE C 191 -0.34 -17.93 -43.95
C PHE C 191 -0.31 -17.46 -45.39
N SER C 192 -0.08 -16.16 -45.58
CA SER C 192 -0.03 -15.56 -46.89
C SER C 192 0.69 -14.22 -46.83
N ILE C 193 0.80 -13.55 -47.97
CA ILE C 193 1.44 -12.25 -48.01
C ILE C 193 0.68 -11.30 -47.10
N LYS C 194 -0.65 -11.44 -47.06
CA LYS C 194 -1.45 -10.57 -46.21
C LYS C 194 -1.19 -10.83 -44.74
N SER C 195 -0.87 -12.07 -44.35
CA SER C 195 -0.55 -12.29 -42.95
C SER C 195 0.82 -11.66 -42.65
N ASP C 196 1.66 -11.54 -43.68
CA ASP C 196 2.97 -10.90 -43.50
C ASP C 196 2.74 -9.40 -43.31
N VAL C 197 1.75 -8.87 -44.02
CA VAL C 197 1.43 -7.45 -43.89
C VAL C 197 0.98 -7.13 -42.47
N TRP C 198 0.17 -8.02 -41.89
CA TRP C 198 -0.31 -7.84 -40.53
C TRP C 198 0.92 -7.78 -39.60
N ALA C 199 1.81 -8.76 -39.76
CA ALA C 199 3.02 -8.81 -38.95
C ALA C 199 3.85 -7.54 -39.15
N PHE C 200 3.86 -7.01 -40.37
CA PHE C 200 4.59 -5.79 -40.66
C PHE C 200 4.04 -4.67 -39.77
N GLY C 201 2.73 -4.69 -39.58
CA GLY C 201 2.09 -3.69 -38.73
C GLY C 201 2.61 -3.75 -37.30
N VAL C 202 2.78 -4.96 -36.77
CA VAL C 202 3.29 -5.12 -35.42
C VAL C 202 4.74 -4.66 -35.36
N LEU C 203 5.49 -4.94 -36.43
CA LEU C 203 6.90 -4.53 -36.53
C LEU C 203 7.00 -3.00 -36.45
N LEU C 204 6.09 -2.30 -37.13
CA LEU C 204 6.09 -0.84 -37.11
C LEU C 204 5.88 -0.35 -35.68
N TRP C 205 5.04 -1.06 -34.93
CA TRP C 205 4.80 -0.69 -33.55
C TRP C 205 6.09 -0.91 -32.74
N GLU C 206 6.78 -2.02 -33.02
CA GLU C 206 8.04 -2.31 -32.31
C GLU C 206 9.05 -1.21 -32.58
N ILE C 207 9.12 -0.78 -33.84
CA ILE C 207 10.03 0.28 -34.25
C ILE C 207 9.69 1.60 -33.54
N ALA C 208 8.45 2.02 -33.67
CA ALA C 208 7.98 3.26 -33.07
C ALA C 208 8.25 3.31 -31.56
N THR C 209 8.20 2.16 -30.91
CA THR C 209 8.43 2.09 -29.46
C THR C 209 9.88 1.77 -29.11
N TYR C 210 10.75 1.75 -30.12
CA TYR C 210 12.15 1.45 -29.90
C TYR C 210 12.39 0.08 -29.28
N GLY C 211 11.58 -0.90 -29.66
CA GLY C 211 11.77 -2.24 -29.16
C GLY C 211 10.89 -2.79 -28.04
N MET C 212 9.78 -2.14 -27.74
CA MET C 212 8.90 -2.64 -26.69
C MET C 212 8.19 -3.91 -27.15
N SER C 213 7.72 -4.71 -26.21
CA SER C 213 7.00 -5.93 -26.53
C SER C 213 5.55 -5.55 -26.82
N PRO C 214 4.95 -6.16 -27.86
CA PRO C 214 3.56 -5.92 -28.28
C PRO C 214 2.53 -6.22 -27.19
N TYR C 215 1.39 -5.53 -27.26
CA TYR C 215 0.31 -5.72 -26.27
C TYR C 215 0.95 -5.92 -24.89
N PRO C 216 1.68 -4.91 -24.40
CA PRO C 216 2.34 -5.03 -23.08
C PRO C 216 1.40 -5.41 -21.95
N GLY C 217 1.77 -6.47 -21.23
CA GLY C 217 0.95 -6.91 -20.11
C GLY C 217 -0.20 -7.84 -20.46
N ILE C 218 -0.49 -8.01 -21.74
CA ILE C 218 -1.58 -8.89 -22.13
C ILE C 218 -1.10 -10.31 -22.38
N ASP C 219 -1.65 -11.26 -21.63
CA ASP C 219 -1.26 -12.66 -21.80
C ASP C 219 -1.62 -13.09 -23.22
N LEU C 220 -0.80 -13.99 -23.78
CA LEU C 220 -1.00 -14.48 -25.14
C LEU C 220 -2.38 -15.07 -25.37
N SER C 221 -2.93 -15.72 -24.37
CA SER C 221 -4.25 -16.36 -24.51
C SER C 221 -5.41 -15.38 -24.68
N GLN C 222 -5.21 -14.10 -24.38
CA GLN C 222 -6.30 -13.14 -24.51
C GLN C 222 -6.22 -12.24 -25.73
N VAL C 223 -5.19 -12.42 -26.54
CA VAL C 223 -4.99 -11.60 -27.74
C VAL C 223 -6.04 -11.74 -28.83
N TYR C 224 -6.34 -12.98 -29.23
CA TYR C 224 -7.33 -13.19 -30.29
C TYR C 224 -8.70 -12.59 -30.00
N GLU C 225 -9.23 -12.82 -28.80
CA GLU C 225 -10.53 -12.28 -28.44
C GLU C 225 -10.53 -10.77 -28.57
N LEU C 226 -9.44 -10.15 -28.12
CA LEU C 226 -9.33 -8.71 -28.20
C LEU C 226 -9.42 -8.23 -29.65
N LEU C 227 -8.63 -8.84 -30.52
CA LEU C 227 -8.63 -8.47 -31.93
C LEU C 227 -10.00 -8.69 -32.54
N GLU C 228 -10.61 -9.82 -32.21
CA GLU C 228 -11.92 -10.17 -32.73
C GLU C 228 -12.95 -9.13 -32.32
N LYS C 229 -12.76 -8.54 -31.14
CA LYS C 229 -13.67 -7.51 -30.65
C LYS C 229 -13.22 -6.12 -31.07
N ASP C 230 -12.40 -6.09 -32.11
CA ASP C 230 -11.89 -4.85 -32.68
C ASP C 230 -10.85 -4.09 -31.88
N TYR C 231 -10.19 -4.73 -30.93
CA TYR C 231 -9.15 -4.03 -30.17
C TYR C 231 -7.87 -4.02 -31.00
N ARG C 232 -7.16 -2.89 -30.99
CA ARG C 232 -5.89 -2.77 -31.67
C ARG C 232 -5.01 -1.91 -30.77
N MET C 233 -3.70 -2.10 -30.84
CA MET C 233 -2.80 -1.31 -30.02
C MET C 233 -2.97 0.18 -30.33
N GLU C 234 -2.92 1.01 -29.30
CA GLU C 234 -3.06 2.44 -29.51
C GLU C 234 -1.76 3.05 -30.00
N ARG C 235 -1.87 4.21 -30.66
CA ARG C 235 -0.70 4.90 -31.18
C ARG C 235 0.31 5.12 -30.07
N PRO C 236 1.57 4.71 -30.30
CA PRO C 236 2.62 4.87 -29.28
C PRO C 236 3.25 6.27 -29.22
N GLU C 237 4.16 6.41 -28.27
CA GLU C 237 4.92 7.64 -28.02
C GLU C 237 5.35 8.34 -29.30
N GLY C 238 4.98 9.61 -29.44
CA GLY C 238 5.37 10.37 -30.63
C GLY C 238 5.32 9.69 -31.99
N CYS C 239 4.51 8.64 -32.14
CA CYS C 239 4.40 7.98 -33.43
C CYS C 239 3.51 8.86 -34.32
N PRO C 240 4.02 9.26 -35.49
CA PRO C 240 3.23 10.10 -36.40
C PRO C 240 1.95 9.43 -36.90
N GLU C 241 0.84 10.15 -36.78
CA GLU C 241 -0.47 9.65 -37.19
C GLU C 241 -0.48 8.92 -38.53
N LYS C 242 0.29 9.42 -39.49
CA LYS C 242 0.35 8.82 -40.81
C LYS C 242 0.90 7.40 -40.73
N VAL C 243 1.87 7.20 -39.83
CA VAL C 243 2.47 5.90 -39.63
C VAL C 243 1.47 4.98 -38.92
N TYR C 244 0.86 5.49 -37.86
CA TYR C 244 -0.12 4.71 -37.10
C TYR C 244 -1.27 4.27 -38.01
N GLU C 245 -1.66 5.15 -38.93
CA GLU C 245 -2.74 4.82 -39.86
C GLU C 245 -2.32 3.66 -40.74
N LEU C 246 -1.02 3.56 -41.02
CA LEU C 246 -0.50 2.46 -41.81
C LEU C 246 -0.64 1.19 -40.98
N MET C 247 -0.26 1.28 -39.71
CA MET C 247 -0.39 0.16 -38.79
C MET C 247 -1.83 -0.35 -38.78
N ARG C 248 -2.76 0.57 -38.58
CA ARG C 248 -4.17 0.20 -38.53
C ARG C 248 -4.66 -0.46 -39.81
N ALA C 249 -4.14 -0.01 -40.95
CA ALA C 249 -4.53 -0.60 -42.22
C ALA C 249 -3.99 -2.02 -42.27
N CYS C 250 -2.76 -2.20 -41.78
CA CYS C 250 -2.14 -3.52 -41.76
C CYS C 250 -2.90 -4.47 -40.86
N TRP C 251 -3.60 -3.93 -39.87
CA TRP C 251 -4.34 -4.77 -38.94
C TRP C 251 -5.82 -4.90 -39.25
N GLN C 252 -6.20 -4.73 -40.51
CA GLN C 252 -7.60 -4.90 -40.88
C GLN C 252 -7.94 -6.36 -40.64
N TRP C 253 -9.13 -6.63 -40.11
CA TRP C 253 -9.50 -8.01 -39.85
C TRP C 253 -9.49 -8.86 -41.10
N ASN C 254 -10.12 -8.37 -42.16
CA ASN C 254 -10.18 -9.10 -43.44
C ASN C 254 -8.85 -8.89 -44.15
N PRO C 255 -8.11 -9.97 -44.43
CA PRO C 255 -6.83 -9.84 -45.12
C PRO C 255 -6.89 -9.07 -46.44
N SER C 256 -7.99 -9.23 -47.18
CA SER C 256 -8.11 -8.54 -48.46
C SER C 256 -8.27 -7.03 -48.27
N ASP C 257 -8.51 -6.60 -47.04
CA ASP C 257 -8.67 -5.18 -46.76
C ASP C 257 -7.34 -4.50 -46.42
N ARG C 258 -6.31 -5.30 -46.17
CA ARG C 258 -5.00 -4.77 -45.85
C ARG C 258 -4.32 -4.33 -47.13
N PRO C 259 -3.45 -3.31 -47.05
CA PRO C 259 -2.75 -2.84 -48.24
C PRO C 259 -1.64 -3.80 -48.65
N SER C 260 -1.20 -3.69 -49.90
CA SER C 260 -0.13 -4.53 -50.40
C SER C 260 1.19 -3.89 -49.96
N PHE C 261 2.27 -4.66 -49.97
CA PHE C 261 3.55 -4.10 -49.57
C PHE C 261 4.01 -3.04 -50.59
N ALA C 262 3.60 -3.19 -51.84
CA ALA C 262 3.94 -2.22 -52.87
C ALA C 262 3.34 -0.88 -52.43
N GLU C 263 2.07 -0.90 -52.02
CA GLU C 263 1.39 0.30 -51.55
C GLU C 263 2.07 0.83 -50.30
N ILE C 264 2.37 -0.08 -49.36
CA ILE C 264 3.03 0.29 -48.12
C ILE C 264 4.37 0.98 -48.40
N HIS C 265 5.18 0.38 -49.26
CA HIS C 265 6.49 0.94 -49.59
C HIS C 265 6.35 2.37 -50.11
N GLN C 266 5.46 2.54 -51.09
CA GLN C 266 5.22 3.83 -51.69
C GLN C 266 4.89 4.88 -50.63
N ALA C 267 4.07 4.49 -49.65
CA ALA C 267 3.66 5.39 -48.58
C ALA C 267 4.86 5.85 -47.76
N PHE C 268 5.76 4.92 -47.45
CA PHE C 268 6.94 5.24 -46.67
C PHE C 268 8.00 6.04 -47.43
N GLU C 269 8.16 5.78 -48.72
CA GLU C 269 9.13 6.52 -49.52
C GLU C 269 8.74 7.99 -49.46
N THR C 270 7.46 8.25 -49.65
CA THR C 270 6.92 9.60 -49.62
C THR C 270 7.19 10.28 -48.27
N MET C 271 6.84 9.60 -47.20
CA MET C 271 7.04 10.15 -45.85
C MET C 271 8.51 10.34 -45.54
N PHE C 272 9.36 9.48 -46.09
CA PHE C 272 10.79 9.58 -45.86
C PHE C 272 11.38 10.75 -46.61
N GLN C 273 10.97 10.93 -47.86
CA GLN C 273 11.48 12.03 -48.67
C GLN C 273 11.10 13.37 -48.07
N GLU C 274 9.85 13.50 -47.65
CA GLU C 274 9.38 14.73 -47.04
C GLU C 274 10.06 15.00 -45.71
N SER C 275 10.18 13.96 -44.88
CA SER C 275 10.80 14.12 -43.57
C SER C 275 12.29 14.46 -43.71
N SER C 276 12.92 13.93 -44.75
CA SER C 276 14.34 14.19 -44.98
C SER C 276 14.54 15.68 -45.29
N ILE C 277 13.58 16.25 -46.01
CA ILE C 277 13.65 17.66 -46.36
C ILE C 277 13.51 18.53 -45.11
N SER C 278 12.43 18.33 -44.36
CA SER C 278 12.20 19.09 -43.14
C SER C 278 13.45 19.09 -42.27
N ASP C 279 14.11 17.94 -42.22
CA ASP C 279 15.34 17.77 -41.44
C ASP C 279 16.44 18.61 -42.08
N GLU C 280 16.49 18.57 -43.41
CA GLU C 280 17.49 19.32 -44.17
C GLU C 280 17.21 20.82 -44.09
N VAL C 281 15.94 21.18 -44.29
CA VAL C 281 15.52 22.59 -44.24
C VAL C 281 16.06 23.27 -43.00
N GLU C 282 16.18 22.52 -41.91
CA GLU C 282 16.68 23.07 -40.67
C GLU C 282 18.20 23.21 -40.77
N GLY D 1 -18.92 -13.52 9.67
CA GLY D 1 -17.91 -14.64 9.88
C GLY D 1 -16.75 -14.17 10.75
N HIS D 2 -16.20 -15.10 11.54
CA HIS D 2 -15.11 -14.78 12.45
C HIS D 2 -14.21 -15.96 12.70
N MET D 3 -13.06 -15.71 13.33
CA MET D 3 -12.11 -16.79 13.54
C MET D 3 -12.34 -17.75 14.67
N SER D 4 -11.29 -17.96 15.45
CA SER D 4 -11.32 -18.94 16.55
C SER D 4 -12.38 -18.98 17.70
N PRO D 5 -12.16 -18.33 18.88
CA PRO D 5 -13.22 -18.45 19.88
C PRO D 5 -14.59 -18.69 19.27
N ASN D 6 -15.03 -19.96 19.29
CA ASN D 6 -16.33 -20.33 18.74
C ASN D 6 -17.23 -20.89 19.83
N TYR D 7 -18.46 -20.42 19.87
CA TYR D 7 -19.43 -20.85 20.85
C TYR D 7 -20.63 -21.31 20.04
N ASP D 8 -20.43 -22.40 19.32
CA ASP D 8 -21.46 -22.94 18.43
C ASP D 8 -22.74 -23.39 19.13
N LYS D 9 -22.74 -23.38 20.46
CA LYS D 9 -23.94 -23.78 21.18
C LYS D 9 -24.93 -22.62 21.27
N TRP D 10 -24.43 -21.39 21.13
CA TRP D 10 -25.33 -20.24 21.18
C TRP D 10 -25.16 -19.18 20.09
N GLU D 11 -24.25 -19.41 19.14
CA GLU D 11 -24.11 -18.46 18.05
C GLU D 11 -25.16 -18.89 17.04
N MET D 12 -26.07 -17.99 16.71
CA MET D 12 -27.16 -18.28 15.79
C MET D 12 -27.16 -17.45 14.51
N GLU D 13 -27.95 -17.91 13.55
CA GLU D 13 -28.13 -17.22 12.29
C GLU D 13 -29.50 -16.58 12.33
N ARG D 14 -29.66 -15.43 11.69
CA ARG D 14 -30.95 -14.75 11.69
C ARG D 14 -32.04 -15.70 11.20
N THR D 15 -31.68 -16.55 10.25
CA THR D 15 -32.60 -17.53 9.67
C THR D 15 -33.11 -18.54 10.70
N ASP D 16 -32.39 -18.69 11.80
CA ASP D 16 -32.82 -19.64 12.84
C ASP D 16 -34.03 -19.13 13.61
N ILE D 17 -34.27 -17.82 13.56
CA ILE D 17 -35.38 -17.22 14.30
C ILE D 17 -36.36 -16.47 13.42
N THR D 18 -37.65 -16.77 13.60
CA THR D 18 -38.70 -16.10 12.86
C THR D 18 -39.04 -14.84 13.64
N MET D 19 -38.84 -13.68 13.02
CA MET D 19 -39.13 -12.41 13.66
C MET D 19 -40.61 -12.07 13.59
N LYS D 20 -41.23 -11.83 14.75
CA LYS D 20 -42.64 -11.46 14.77
C LYS D 20 -42.73 -9.96 15.06
N HIS D 21 -43.91 -9.49 15.48
CA HIS D 21 -44.10 -8.07 15.76
C HIS D 21 -43.19 -7.49 16.84
N LYS D 22 -42.88 -6.21 16.69
CA LYS D 22 -42.03 -5.46 17.62
C LYS D 22 -42.77 -5.27 18.95
N LEU D 23 -42.06 -5.45 20.06
CA LEU D 23 -42.66 -5.29 21.38
C LEU D 23 -42.36 -3.94 21.99
N GLY D 24 -41.17 -3.42 21.69
CA GLY D 24 -40.77 -2.15 22.23
C GLY D 24 -39.32 -1.88 21.89
N GLY D 25 -38.70 -0.96 22.61
CA GLY D 25 -37.32 -0.64 22.35
C GLY D 25 -36.76 0.29 23.41
N GLY D 26 -35.44 0.39 23.45
CA GLY D 26 -34.79 1.25 24.40
C GLY D 26 -33.54 1.85 23.80
N GLN D 27 -32.63 2.27 24.68
CA GLN D 27 -31.39 2.89 24.25
C GLN D 27 -30.51 1.96 23.42
N TYR D 28 -30.59 0.66 23.68
CA TYR D 28 -29.73 -0.29 22.97
C TYR D 28 -30.28 -0.86 21.68
N GLY D 29 -31.60 -0.80 21.50
CA GLY D 29 -32.17 -1.34 20.29
C GLY D 29 -33.65 -1.64 20.45
N GLU D 30 -34.23 -2.27 19.44
CA GLU D 30 -35.64 -2.61 19.49
C GLU D 30 -35.79 -4.09 19.82
N VAL D 31 -36.90 -4.43 20.47
CA VAL D 31 -37.14 -5.81 20.86
C VAL D 31 -38.33 -6.39 20.12
N TYR D 32 -38.16 -7.59 19.60
CA TYR D 32 -39.22 -8.26 18.86
C TYR D 32 -39.54 -9.60 19.47
N GLU D 33 -40.78 -10.04 19.30
CA GLU D 33 -41.13 -11.35 19.78
C GLU D 33 -40.64 -12.22 18.62
N GLY D 34 -40.03 -13.36 18.93
CA GLY D 34 -39.56 -14.21 17.86
C GLY D 34 -39.82 -15.67 18.13
N VAL D 35 -39.61 -16.51 17.12
CA VAL D 35 -39.78 -17.93 17.30
C VAL D 35 -38.51 -18.65 16.90
N TRP D 36 -37.95 -19.38 17.85
CA TRP D 36 -36.75 -20.16 17.60
C TRP D 36 -37.29 -21.40 16.89
N LYS D 37 -37.23 -21.39 15.55
CA LYS D 37 -37.74 -22.48 14.72
C LYS D 37 -37.45 -23.88 15.22
N LYS D 38 -36.17 -24.18 15.46
CA LYS D 38 -35.76 -25.50 15.91
C LYS D 38 -36.64 -26.08 17.02
N TYR D 39 -37.13 -25.23 17.91
CA TYR D 39 -37.96 -25.69 19.01
C TYR D 39 -39.35 -25.09 19.01
N SER D 40 -39.66 -24.28 18.02
CA SER D 40 -40.96 -23.62 17.97
C SER D 40 -41.12 -22.95 19.34
N LEU D 41 -40.03 -22.34 19.80
CA LEU D 41 -40.00 -21.68 21.11
C LEU D 41 -40.08 -20.15 20.93
N THR D 42 -41.02 -19.53 21.64
CA THR D 42 -41.17 -18.08 21.58
C THR D 42 -39.99 -17.48 22.36
N VAL D 43 -39.33 -16.50 21.77
CA VAL D 43 -38.19 -15.85 22.42
C VAL D 43 -38.27 -14.35 22.19
N ALA D 44 -37.44 -13.62 22.93
CA ALA D 44 -37.37 -12.17 22.79
C ALA D 44 -36.11 -11.93 21.97
N VAL D 45 -36.21 -11.10 20.95
CA VAL D 45 -35.06 -10.82 20.11
C VAL D 45 -34.80 -9.33 20.12
N LYS D 46 -33.65 -8.94 20.65
CA LYS D 46 -33.31 -7.52 20.66
C LYS D 46 -32.33 -7.28 19.52
N THR D 47 -32.73 -6.44 18.57
CA THR D 47 -31.88 -6.10 17.44
C THR D 47 -31.13 -4.84 17.87
N LEU D 48 -29.86 -5.01 18.22
CA LEU D 48 -29.09 -3.86 18.67
C LEU D 48 -28.94 -2.80 17.58
N LYS D 49 -28.74 -1.56 18.01
CA LYS D 49 -28.55 -0.47 17.06
C LYS D 49 -27.20 -0.67 16.38
N GLU D 50 -27.04 -0.04 15.22
CA GLU D 50 -25.77 -0.11 14.49
C GLU D 50 -24.70 0.34 15.48
N ASP D 51 -23.65 -0.46 15.61
CA ASP D 51 -22.61 -0.15 16.58
C ASP D 51 -21.20 -0.48 16.08
N THR D 52 -20.19 0.01 16.79
CA THR D 52 -18.80 -0.21 16.41
C THR D 52 -18.11 -1.41 17.09
N MET D 53 -18.73 -1.99 18.10
CA MET D 53 -18.09 -3.12 18.78
C MET D 53 -17.75 -4.28 17.83
N GLU D 54 -16.51 -4.72 17.89
CA GLU D 54 -16.05 -5.81 17.04
C GLU D 54 -16.62 -7.16 17.45
N VAL D 55 -16.73 -8.07 16.49
CA VAL D 55 -17.29 -9.40 16.74
C VAL D 55 -16.59 -10.16 17.87
N GLU D 56 -15.27 -10.30 17.80
CA GLU D 56 -14.55 -11.03 18.85
C GLU D 56 -14.77 -10.49 20.26
N GLU D 57 -14.65 -9.18 20.45
CA GLU D 57 -14.84 -8.62 21.79
C GLU D 57 -16.29 -8.75 22.25
N PHE D 58 -17.22 -8.63 21.30
CA PHE D 58 -18.62 -8.76 21.64
C PHE D 58 -18.92 -10.16 22.15
N LEU D 59 -18.42 -11.16 21.43
CA LEU D 59 -18.64 -12.54 21.81
C LEU D 59 -17.97 -12.90 23.14
N LYS D 60 -16.79 -12.33 23.40
CA LYS D 60 -16.12 -12.60 24.66
C LYS D 60 -16.97 -12.10 25.81
N GLU D 61 -17.52 -10.90 25.66
CA GLU D 61 -18.36 -10.31 26.70
C GLU D 61 -19.65 -11.12 26.82
N ALA D 62 -20.24 -11.47 25.69
CA ALA D 62 -21.48 -12.25 25.71
C ALA D 62 -21.26 -13.61 26.35
N ALA D 63 -20.06 -14.15 26.23
CA ALA D 63 -19.79 -15.45 26.84
C ALA D 63 -19.97 -15.37 28.35
N VAL D 64 -19.61 -14.24 28.94
CA VAL D 64 -19.74 -14.05 30.39
C VAL D 64 -21.21 -14.02 30.77
N MET D 65 -22.02 -13.36 29.95
CA MET D 65 -23.45 -13.26 30.20
C MET D 65 -24.11 -14.63 30.07
N LYS D 66 -23.61 -15.44 29.14
CA LYS D 66 -24.15 -16.77 28.92
C LYS D 66 -24.03 -17.64 30.18
N GLU D 67 -23.03 -17.36 31.01
CA GLU D 67 -22.82 -18.12 32.24
C GLU D 67 -23.73 -17.69 33.38
N ILE D 68 -24.54 -16.66 33.15
CA ILE D 68 -25.46 -16.17 34.18
C ILE D 68 -26.69 -17.08 34.17
N LYS D 69 -26.75 -17.98 35.15
CA LYS D 69 -27.85 -18.92 35.25
C LYS D 69 -28.44 -18.89 36.65
N HIS D 70 -29.66 -18.38 36.75
CA HIS D 70 -30.35 -18.23 38.03
C HIS D 70 -31.85 -18.16 37.73
N PRO D 71 -32.69 -18.64 38.66
CA PRO D 71 -34.14 -18.62 38.44
C PRO D 71 -34.75 -17.23 38.31
N ASN D 72 -34.04 -16.18 38.73
CA ASN D 72 -34.61 -14.85 38.62
C ASN D 72 -33.88 -13.91 37.66
N LEU D 73 -33.07 -14.48 36.79
CA LEU D 73 -32.34 -13.70 35.79
C LEU D 73 -32.72 -14.20 34.40
N VAL D 74 -33.22 -13.31 33.54
CA VAL D 74 -33.61 -13.68 32.18
C VAL D 74 -32.39 -14.22 31.46
N GLN D 75 -32.45 -15.50 31.09
CA GLN D 75 -31.34 -16.18 30.43
C GLN D 75 -31.04 -15.78 28.99
N LEU D 76 -29.76 -15.64 28.70
CA LEU D 76 -29.32 -15.33 27.33
C LEU D 76 -29.34 -16.69 26.63
N LEU D 77 -30.04 -16.77 25.50
CA LEU D 77 -30.15 -18.02 24.75
C LEU D 77 -29.22 -18.05 23.54
N GLY D 78 -28.92 -16.87 22.98
CA GLY D 78 -28.03 -16.84 21.84
C GLY D 78 -27.81 -15.45 21.29
N VAL D 79 -26.95 -15.35 20.28
CA VAL D 79 -26.65 -14.09 19.64
C VAL D 79 -26.39 -14.35 18.16
N CYS D 80 -26.61 -13.32 17.34
CA CYS D 80 -26.37 -13.38 15.91
C CYS D 80 -25.33 -12.30 15.61
N THR D 81 -24.21 -12.67 14.98
CA THR D 81 -23.19 -11.67 14.68
C THR D 81 -22.70 -11.68 13.23
N ARG D 82 -23.17 -12.65 12.44
CA ARG D 82 -22.74 -12.75 11.05
C ARG D 82 -23.14 -11.53 10.22
N GLU D 83 -24.30 -10.97 10.52
CA GLU D 83 -24.80 -9.80 9.80
C GLU D 83 -25.14 -8.67 10.76
N PRO D 84 -24.21 -7.72 10.95
CA PRO D 84 -24.46 -6.61 11.86
C PRO D 84 -25.68 -5.81 11.39
N PRO D 85 -26.38 -5.14 12.32
CA PRO D 85 -26.10 -5.10 13.75
C PRO D 85 -26.44 -6.44 14.43
N PHE D 86 -25.77 -6.72 15.54
CA PHE D 86 -25.97 -7.99 16.27
C PHE D 86 -27.35 -8.15 16.91
N TYR D 87 -27.81 -9.40 17.01
CA TYR D 87 -29.09 -9.69 17.66
C TYR D 87 -28.80 -10.41 18.96
N ILE D 88 -29.61 -10.14 19.98
CA ILE D 88 -29.47 -10.81 21.28
C ILE D 88 -30.77 -11.56 21.50
N ILE D 89 -30.69 -12.88 21.62
CA ILE D 89 -31.88 -13.70 21.84
C ILE D 89 -31.98 -14.12 23.29
N THR D 90 -33.10 -13.79 23.93
CA THR D 90 -33.28 -14.13 25.32
C THR D 90 -34.64 -14.78 25.61
N GLU D 91 -34.77 -15.34 26.81
CA GLU D 91 -35.99 -15.98 27.25
C GLU D 91 -37.15 -14.97 27.22
N PHE D 92 -38.29 -15.40 26.70
CA PHE D 92 -39.46 -14.54 26.59
C PHE D 92 -40.26 -14.53 27.88
N MET D 93 -40.56 -13.34 28.39
CA MET D 93 -41.35 -13.18 29.62
C MET D 93 -42.73 -12.70 29.20
N THR D 94 -43.71 -13.59 29.37
CA THR D 94 -45.09 -13.34 28.94
C THR D 94 -45.86 -12.14 29.49
N TYR D 95 -45.50 -11.63 30.67
CA TYR D 95 -46.25 -10.49 31.18
C TYR D 95 -45.61 -9.12 31.04
N GLY D 96 -44.59 -9.02 30.19
CA GLY D 96 -43.94 -7.73 29.95
C GLY D 96 -43.10 -7.17 31.08
N ASN D 97 -42.75 -5.89 30.96
CA ASN D 97 -41.92 -5.23 31.96
C ASN D 97 -42.71 -4.89 33.23
N LEU D 98 -42.00 -4.90 34.36
CA LEU D 98 -42.61 -4.65 35.66
C LEU D 98 -43.26 -3.27 35.80
N LEU D 99 -42.66 -2.24 35.21
CA LEU D 99 -43.20 -0.90 35.31
C LEU D 99 -44.66 -0.88 34.84
N ASP D 100 -44.89 -1.28 33.60
CA ASP D 100 -46.25 -1.28 33.06
C ASP D 100 -47.15 -2.27 33.79
N TYR D 101 -46.59 -3.38 34.24
CA TYR D 101 -47.36 -4.37 34.95
C TYR D 101 -47.94 -3.77 36.23
N LEU D 102 -47.11 -3.10 37.02
CA LEU D 102 -47.58 -2.48 38.26
C LEU D 102 -48.60 -1.37 37.99
N ARG D 103 -48.40 -0.63 36.91
CA ARG D 103 -49.31 0.46 36.56
C ARG D 103 -50.69 -0.02 36.12
N GLU D 104 -50.76 -1.21 35.54
CA GLU D 104 -52.02 -1.76 35.04
C GLU D 104 -52.64 -2.87 35.88
N CYS D 105 -51.93 -3.33 36.91
CA CYS D 105 -52.41 -4.43 37.74
C CYS D 105 -53.57 -4.14 38.69
N ASN D 106 -54.13 -5.22 39.22
CA ASN D 106 -55.24 -5.16 40.17
C ASN D 106 -54.56 -5.14 41.53
N ARG D 107 -54.69 -4.02 42.24
CA ARG D 107 -54.03 -3.87 43.53
C ARG D 107 -54.54 -4.76 44.65
N GLN D 108 -55.67 -5.43 44.42
CA GLN D 108 -56.22 -6.36 45.40
C GLN D 108 -55.39 -7.64 45.22
N GLU D 109 -55.13 -7.95 43.96
CA GLU D 109 -54.35 -9.13 43.59
C GLU D 109 -52.88 -8.88 43.96
N VAL D 110 -52.32 -7.81 43.40
CA VAL D 110 -50.94 -7.44 43.67
C VAL D 110 -50.94 -6.55 44.90
N ASN D 111 -51.00 -7.18 46.08
CA ASN D 111 -51.04 -6.45 47.34
C ASN D 111 -49.69 -6.34 48.03
N ALA D 112 -49.72 -5.95 49.31
CA ALA D 112 -48.51 -5.76 50.08
C ALA D 112 -47.56 -6.96 50.04
N VAL D 113 -48.11 -8.16 50.20
CA VAL D 113 -47.30 -9.37 50.19
C VAL D 113 -46.64 -9.62 48.83
N VAL D 114 -47.37 -9.36 47.76
CA VAL D 114 -46.84 -9.57 46.42
C VAL D 114 -45.67 -8.61 46.17
N LEU D 115 -45.86 -7.34 46.50
CA LEU D 115 -44.80 -6.36 46.30
C LEU D 115 -43.55 -6.84 47.02
N LEU D 116 -43.74 -7.40 48.20
CA LEU D 116 -42.64 -7.92 49.00
C LEU D 116 -42.01 -9.12 48.28
N TYR D 117 -42.87 -9.95 47.69
CA TYR D 117 -42.42 -11.13 46.95
C TYR D 117 -41.58 -10.70 45.74
N MET D 118 -42.05 -9.67 45.04
CA MET D 118 -41.32 -9.17 43.87
C MET D 118 -39.94 -8.65 44.28
N ALA D 119 -39.89 -7.90 45.38
CA ALA D 119 -38.63 -7.36 45.87
C ALA D 119 -37.65 -8.47 46.26
N THR D 120 -38.19 -9.54 46.85
CA THR D 120 -37.36 -10.66 47.26
C THR D 120 -36.74 -11.35 46.06
N GLN D 121 -37.54 -11.55 45.00
CA GLN D 121 -37.06 -12.19 43.78
C GLN D 121 -35.95 -11.34 43.15
N ILE D 122 -36.23 -10.06 42.98
CA ILE D 122 -35.26 -9.15 42.39
C ILE D 122 -33.96 -9.14 43.19
N SER D 123 -34.07 -9.07 44.51
CA SER D 123 -32.86 -9.05 45.34
C SER D 123 -32.10 -10.38 45.24
N SER D 124 -32.82 -11.48 44.99
CA SER D 124 -32.16 -12.78 44.85
C SER D 124 -31.32 -12.75 43.58
N ALA D 125 -31.89 -12.21 42.50
CA ALA D 125 -31.17 -12.13 41.24
C ALA D 125 -29.92 -11.25 41.42
N MET D 126 -30.10 -10.10 42.07
CA MET D 126 -28.98 -9.20 42.26
C MET D 126 -27.91 -9.80 43.19
N GLU D 127 -28.33 -10.63 44.14
CA GLU D 127 -27.36 -11.26 45.02
C GLU D 127 -26.49 -12.18 44.17
N TYR D 128 -27.10 -12.84 43.20
CA TYR D 128 -26.36 -13.73 42.31
C TYR D 128 -25.37 -12.92 41.48
N LEU D 129 -25.83 -11.84 40.86
CA LEU D 129 -24.94 -11.00 40.06
C LEU D 129 -23.78 -10.50 40.95
N GLU D 130 -24.12 -10.14 42.17
CA GLU D 130 -23.10 -9.66 43.12
C GLU D 130 -22.01 -10.71 43.33
N LYS D 131 -22.44 -11.94 43.60
CA LYS D 131 -21.53 -13.06 43.83
C LYS D 131 -20.65 -13.32 42.62
N LYS D 132 -21.20 -13.03 41.43
CA LYS D 132 -20.48 -13.21 40.17
C LYS D 132 -19.65 -11.99 39.78
N ASN D 133 -19.71 -10.95 40.61
CA ASN D 133 -18.99 -9.71 40.31
C ASN D 133 -19.46 -9.21 38.95
N PHE D 134 -20.76 -9.30 38.71
CA PHE D 134 -21.34 -8.86 37.44
C PHE D 134 -22.18 -7.61 37.68
N ILE D 135 -21.74 -6.49 37.12
CA ILE D 135 -22.43 -5.22 37.28
C ILE D 135 -23.58 -5.10 36.27
N HIS D 136 -24.80 -4.88 36.75
CA HIS D 136 -25.96 -4.75 35.86
C HIS D 136 -25.86 -3.45 35.06
N ARG D 137 -25.78 -2.34 35.79
CA ARG D 137 -25.64 -1.00 35.22
C ARG D 137 -26.95 -0.31 34.82
N ASP D 138 -28.00 -1.09 34.55
CA ASP D 138 -29.28 -0.51 34.15
C ASP D 138 -30.46 -0.99 35.00
N LEU D 139 -30.23 -1.27 36.28
CA LEU D 139 -31.32 -1.77 37.11
C LEU D 139 -32.44 -0.74 37.25
N ALA D 140 -33.67 -1.20 37.04
CA ALA D 140 -34.84 -0.32 37.12
C ALA D 140 -36.07 -1.16 36.79
N ALA D 141 -37.26 -0.64 37.12
CA ALA D 141 -38.48 -1.40 36.86
C ALA D 141 -38.59 -1.78 35.40
N ARG D 142 -38.12 -0.91 34.52
CA ARG D 142 -38.19 -1.18 33.09
C ARG D 142 -37.35 -2.39 32.71
N ASN D 143 -36.41 -2.77 33.58
CA ASN D 143 -35.58 -3.94 33.33
C ASN D 143 -35.86 -5.14 34.23
N CYS D 144 -37.10 -5.19 34.71
CA CYS D 144 -37.55 -6.32 35.50
C CYS D 144 -38.71 -6.82 34.64
N LEU D 145 -38.76 -8.13 34.40
CA LEU D 145 -39.82 -8.70 33.58
C LEU D 145 -40.68 -9.61 34.42
N VAL D 146 -41.95 -9.70 34.03
CA VAL D 146 -42.92 -10.49 34.77
C VAL D 146 -43.40 -11.73 34.05
N GLY D 147 -43.55 -12.79 34.83
CA GLY D 147 -44.02 -14.06 34.30
C GLY D 147 -45.27 -14.48 35.04
N GLU D 148 -45.67 -15.74 34.85
CA GLU D 148 -46.85 -16.30 35.49
C GLU D 148 -46.75 -16.23 37.03
N ASN D 149 -47.91 -16.09 37.68
CA ASN D 149 -47.99 -16.06 39.13
C ASN D 149 -46.99 -15.13 39.84
N HIS D 150 -46.89 -13.91 39.35
CA HIS D 150 -46.02 -12.87 39.90
C HIS D 150 -44.53 -13.19 39.89
N LEU D 151 -44.12 -14.05 38.98
CA LEU D 151 -42.71 -14.38 38.82
C LEU D 151 -42.06 -13.12 38.27
N VAL D 152 -40.89 -12.76 38.81
CA VAL D 152 -40.20 -11.58 38.31
C VAL D 152 -38.74 -11.93 38.09
N LYS D 153 -38.21 -11.54 36.93
CA LYS D 153 -36.82 -11.80 36.60
C LYS D 153 -36.17 -10.50 36.17
N VAL D 154 -34.90 -10.34 36.54
CA VAL D 154 -34.15 -9.15 36.18
C VAL D 154 -33.58 -9.43 34.80
N ALA D 155 -33.63 -8.43 33.93
CA ALA D 155 -33.14 -8.58 32.56
C ALA D 155 -32.14 -7.52 32.13
N ASP D 156 -31.56 -7.76 30.95
CA ASP D 156 -30.61 -6.87 30.31
C ASP D 156 -29.44 -6.46 31.20
N PHE D 157 -28.98 -7.39 32.02
CA PHE D 157 -27.84 -7.12 32.90
C PHE D 157 -26.56 -7.00 32.07
N GLY D 158 -25.83 -5.91 32.29
CA GLY D 158 -24.58 -5.70 31.56
C GLY D 158 -24.74 -5.44 30.08
N LEU D 159 -25.97 -5.16 29.63
CA LEU D 159 -26.19 -4.92 28.22
C LEU D 159 -25.30 -3.80 27.67
N SER D 160 -25.12 -2.74 28.46
CA SER D 160 -24.30 -1.62 28.03
C SER D 160 -22.90 -2.06 27.58
N ARG D 161 -22.44 -3.21 28.07
CA ARG D 161 -21.10 -3.72 27.73
C ARG D 161 -21.03 -4.35 26.35
N LEU D 162 -22.19 -4.59 25.73
CA LEU D 162 -22.23 -5.20 24.41
C LEU D 162 -22.29 -4.15 23.29
N MET D 163 -22.05 -2.89 23.64
CA MET D 163 -22.04 -1.80 22.68
C MET D 163 -20.91 -0.86 23.08
N THR D 164 -20.19 -0.32 22.09
CA THR D 164 -19.08 0.58 22.37
C THR D 164 -19.16 1.85 21.52
N GLY D 165 -20.25 1.97 20.76
CA GLY D 165 -20.42 3.11 19.89
C GLY D 165 -20.28 4.49 20.52
N ASP D 166 -20.80 4.68 21.73
CA ASP D 166 -20.70 5.98 22.37
C ASP D 166 -19.76 6.07 23.56
N THR D 167 -18.71 5.26 23.53
CA THR D 167 -17.71 5.25 24.60
C THR D 167 -17.02 6.60 24.71
N TYR D 168 -16.71 7.20 23.55
CA TYR D 168 -16.00 8.47 23.54
C TYR D 168 -16.83 9.66 23.06
N THR D 169 -16.63 10.80 23.71
CA THR D 169 -17.34 12.03 23.36
C THR D 169 -16.41 13.22 23.54
N ALA D 170 -16.55 14.22 22.68
CA ALA D 170 -15.72 15.42 22.76
C ALA D 170 -16.23 16.44 23.78
N HIS D 171 -17.50 16.34 24.14
CA HIS D 171 -18.08 17.27 25.11
C HIS D 171 -17.94 16.72 26.51
N ALA D 172 -17.97 17.61 27.50
CA ALA D 172 -17.85 17.21 28.90
C ALA D 172 -19.13 16.52 29.38
N GLY D 173 -18.99 15.65 30.37
CA GLY D 173 -20.14 14.94 30.91
C GLY D 173 -20.56 13.76 30.06
N ALA D 174 -21.72 13.20 30.36
CA ALA D 174 -22.25 12.06 29.64
C ALA D 174 -23.77 11.97 29.83
N LYS D 175 -24.41 11.06 29.10
CA LYS D 175 -25.87 10.86 29.16
C LYS D 175 -26.18 9.73 30.14
N PHE D 176 -27.17 9.96 31.00
CA PHE D 176 -27.55 8.93 31.97
C PHE D 176 -29.04 8.92 32.29
N PRO D 177 -29.55 7.77 32.81
CA PRO D 177 -30.97 7.66 33.17
C PRO D 177 -30.86 8.22 34.58
N ILE D 178 -30.70 9.55 34.63
CA ILE D 178 -30.48 10.31 35.84
C ILE D 178 -31.08 9.86 37.17
N LYS D 179 -32.40 9.74 37.22
CA LYS D 179 -33.07 9.39 38.46
C LYS D 179 -32.78 8.00 39.05
N TRP D 180 -32.07 7.16 38.30
CA TRP D 180 -31.72 5.83 38.78
C TRP D 180 -30.22 5.72 39.03
N THR D 181 -29.49 6.78 38.72
CA THR D 181 -28.03 6.74 38.83
C THR D 181 -27.40 7.26 40.11
N ALA D 182 -26.55 6.43 40.71
CA ALA D 182 -25.86 6.81 41.94
C ALA D 182 -25.04 8.08 41.69
N PRO D 183 -24.88 8.91 42.73
CA PRO D 183 -24.11 10.15 42.61
C PRO D 183 -22.69 9.98 42.06
N GLU D 184 -21.96 8.99 42.55
CA GLU D 184 -20.59 8.78 42.07
C GLU D 184 -20.59 8.35 40.61
N SER D 185 -21.67 7.70 40.18
CA SER D 185 -21.76 7.26 38.79
C SER D 185 -22.02 8.46 37.91
N LEU D 186 -22.85 9.39 38.38
CA LEU D 186 -23.16 10.60 37.61
C LEU D 186 -21.93 11.48 37.51
N ALA D 187 -21.23 11.64 38.63
CA ALA D 187 -20.05 12.51 38.67
C ALA D 187 -18.77 11.93 38.08
N TYR D 188 -18.65 10.60 38.03
CA TYR D 188 -17.42 9.99 37.52
C TYR D 188 -17.60 8.90 36.46
N ASN D 189 -18.82 8.69 35.99
CA ASN D 189 -19.07 7.65 34.99
C ASN D 189 -18.50 6.35 35.56
N LYS D 190 -18.51 6.28 36.89
CA LYS D 190 -18.02 5.15 37.66
C LYS D 190 -19.18 4.25 38.14
N PHE D 191 -19.30 3.07 37.56
CA PHE D 191 -20.35 2.13 37.94
C PHE D 191 -19.80 0.90 38.67
N SER D 192 -20.60 0.35 39.59
CA SER D 192 -20.20 -0.81 40.38
C SER D 192 -21.41 -1.53 40.95
N ILE D 193 -21.16 -2.60 41.72
CA ILE D 193 -22.25 -3.34 42.34
C ILE D 193 -22.97 -2.38 43.28
N LYS D 194 -22.20 -1.52 43.95
CA LYS D 194 -22.80 -0.56 44.86
C LYS D 194 -23.70 0.44 44.15
N SER D 195 -23.36 0.80 42.91
CA SER D 195 -24.25 1.72 42.19
C SER D 195 -25.50 0.94 41.77
N ASP D 196 -25.37 -0.38 41.63
CA ASP D 196 -26.54 -1.20 41.31
C ASP D 196 -27.44 -1.18 42.54
N VAL D 197 -26.83 -1.18 43.73
CA VAL D 197 -27.61 -1.14 44.96
C VAL D 197 -28.41 0.16 45.03
N TRP D 198 -27.80 1.27 44.64
CA TRP D 198 -28.50 2.55 44.65
C TRP D 198 -29.73 2.45 43.74
N ALA D 199 -29.52 1.89 42.55
CA ALA D 199 -30.60 1.73 41.59
C ALA D 199 -31.71 0.84 42.17
N PHE D 200 -31.32 -0.17 42.93
CA PHE D 200 -32.29 -1.07 43.54
C PHE D 200 -33.18 -0.26 44.48
N GLY D 201 -32.58 0.71 45.16
CA GLY D 201 -33.35 1.55 46.06
C GLY D 201 -34.43 2.31 45.28
N VAL D 202 -34.08 2.81 44.11
CA VAL D 202 -35.07 3.53 43.31
C VAL D 202 -36.14 2.56 42.84
N LEU D 203 -35.73 1.36 42.43
CA LEU D 203 -36.66 0.32 42.00
C LEU D 203 -37.67 0.04 43.11
N LEU D 204 -37.20 -0.12 44.35
CA LEU D 204 -38.10 -0.35 45.47
C LEU D 204 -39.17 0.74 45.53
N TRP D 205 -38.76 1.97 45.26
CA TRP D 205 -39.70 3.11 45.26
C TRP D 205 -40.71 2.94 44.12
N GLU D 206 -40.23 2.49 42.96
CA GLU D 206 -41.12 2.29 41.81
C GLU D 206 -42.15 1.22 42.13
N ILE D 207 -41.72 0.19 42.83
CA ILE D 207 -42.59 -0.92 43.20
C ILE D 207 -43.61 -0.46 44.24
N ALA D 208 -43.11 0.22 45.27
CA ALA D 208 -43.98 0.72 46.33
C ALA D 208 -45.02 1.71 45.83
N THR D 209 -44.75 2.36 44.71
CA THR D 209 -45.69 3.35 44.18
C THR D 209 -46.50 2.83 42.99
N TYR D 210 -46.37 1.53 42.72
CA TYR D 210 -47.07 0.92 41.60
C TYR D 210 -46.70 1.56 40.26
N GLY D 211 -45.42 1.84 40.07
CA GLY D 211 -44.97 2.40 38.80
C GLY D 211 -44.86 3.90 38.56
N MET D 212 -44.87 4.71 39.61
CA MET D 212 -44.75 6.14 39.40
C MET D 212 -43.31 6.46 38.97
N SER D 213 -43.13 7.62 38.36
CA SER D 213 -41.80 8.06 37.93
C SER D 213 -41.15 8.67 39.16
N PRO D 214 -39.86 8.38 39.38
CA PRO D 214 -39.09 8.89 40.52
C PRO D 214 -39.01 10.41 40.61
N TYR D 215 -38.77 10.92 41.81
CA TYR D 215 -38.67 12.36 42.06
C TYR D 215 -39.72 13.13 41.26
N PRO D 216 -41.01 12.85 41.52
CA PRO D 216 -42.06 13.55 40.78
C PRO D 216 -42.04 15.07 40.91
N GLY D 217 -42.07 15.75 39.77
CA GLY D 217 -42.06 17.21 39.78
C GLY D 217 -40.68 17.82 39.81
N ILE D 218 -39.65 16.99 40.01
CA ILE D 218 -38.28 17.47 40.05
C ILE D 218 -37.59 17.26 38.70
N ASP D 219 -37.01 18.31 38.15
CA ASP D 219 -36.32 18.21 36.85
C ASP D 219 -35.03 17.40 36.98
N LEU D 220 -34.75 16.58 35.97
CA LEU D 220 -33.55 15.74 35.97
C LEU D 220 -32.31 16.54 36.30
N SER D 221 -32.27 17.76 35.77
CA SER D 221 -31.13 18.66 35.96
C SER D 221 -30.82 19.02 37.41
N GLN D 222 -31.82 18.92 38.28
CA GLN D 222 -31.63 19.27 39.68
C GLN D 222 -31.42 18.11 40.64
N VAL D 223 -31.53 16.89 40.13
CA VAL D 223 -31.39 15.70 40.97
C VAL D 223 -30.06 15.59 41.70
N TYR D 224 -28.94 15.70 40.99
CA TYR D 224 -27.63 15.57 41.63
C TYR D 224 -27.47 16.53 42.79
N GLU D 225 -27.73 17.82 42.53
CA GLU D 225 -27.62 18.84 43.55
C GLU D 225 -28.44 18.51 44.79
N LEU D 226 -29.68 18.09 44.57
CA LEU D 226 -30.54 17.73 45.69
C LEU D 226 -29.93 16.58 46.48
N LEU D 227 -29.43 15.58 45.77
CA LEU D 227 -28.83 14.43 46.43
C LEU D 227 -27.60 14.79 47.25
N GLU D 228 -26.74 15.64 46.68
CA GLU D 228 -25.53 16.03 47.39
C GLU D 228 -25.86 16.79 48.68
N LYS D 229 -27.00 17.47 48.69
CA LYS D 229 -27.43 18.23 49.86
C LYS D 229 -28.31 17.37 50.78
N ASP D 230 -28.19 16.06 50.59
CA ASP D 230 -28.91 15.05 51.36
C ASP D 230 -30.42 14.90 51.14
N TYR D 231 -30.95 15.43 50.04
CA TYR D 231 -32.38 15.24 49.80
C TYR D 231 -32.58 13.79 49.35
N ARG D 232 -33.68 13.17 49.78
CA ARG D 232 -34.02 11.81 49.37
C ARG D 232 -35.54 11.75 49.26
N MET D 233 -36.06 10.93 48.35
CA MET D 233 -37.52 10.82 48.22
C MET D 233 -38.11 10.38 49.55
N GLU D 234 -39.27 10.92 49.89
CA GLU D 234 -39.90 10.54 51.15
C GLU D 234 -40.59 9.19 51.01
N ARG D 235 -40.93 8.58 52.15
CA ARG D 235 -41.59 7.30 52.18
C ARG D 235 -42.92 7.37 51.45
N PRO D 236 -43.14 6.51 50.44
CA PRO D 236 -44.41 6.55 49.72
C PRO D 236 -45.56 6.01 50.57
N GLU D 237 -46.77 6.46 50.27
CA GLU D 237 -47.95 6.04 51.00
C GLU D 237 -48.10 4.52 50.98
N GLY D 238 -48.36 3.95 52.15
CA GLY D 238 -48.53 2.51 52.25
C GLY D 238 -47.24 1.72 52.35
N CYS D 239 -46.11 2.36 52.11
CA CYS D 239 -44.84 1.64 52.20
C CYS D 239 -44.43 1.36 53.63
N PRO D 240 -44.16 0.09 53.96
CA PRO D 240 -43.75 -0.22 55.33
C PRO D 240 -42.44 0.45 55.71
N GLU D 241 -42.34 0.85 56.97
CA GLU D 241 -41.15 1.52 57.49
C GLU D 241 -39.86 0.73 57.26
N LYS D 242 -39.93 -0.59 57.39
CA LYS D 242 -38.76 -1.43 57.20
C LYS D 242 -38.23 -1.38 55.76
N VAL D 243 -39.14 -1.35 54.79
CA VAL D 243 -38.73 -1.30 53.40
C VAL D 243 -38.15 0.08 53.10
N TYR D 244 -38.78 1.12 53.64
CA TYR D 244 -38.28 2.47 53.41
C TYR D 244 -36.89 2.58 54.01
N GLU D 245 -36.67 1.90 55.14
CA GLU D 245 -35.37 1.90 55.78
C GLU D 245 -34.35 1.38 54.78
N LEU D 246 -34.67 0.24 54.15
CA LEU D 246 -33.80 -0.37 53.16
C LEU D 246 -33.55 0.57 52.01
N MET D 247 -34.61 1.24 51.56
CA MET D 247 -34.52 2.20 50.47
C MET D 247 -33.43 3.22 50.78
N ARG D 248 -33.54 3.85 51.95
CA ARG D 248 -32.60 4.88 52.39
C ARG D 248 -31.18 4.35 52.59
N ALA D 249 -31.07 3.08 52.98
CA ALA D 249 -29.76 2.48 53.17
C ALA D 249 -29.10 2.35 51.80
N CYS D 250 -29.93 2.04 50.80
CA CYS D 250 -29.46 1.90 49.43
C CYS D 250 -29.01 3.24 48.88
N TRP D 251 -29.58 4.32 49.42
CA TRP D 251 -29.24 5.66 48.95
C TRP D 251 -28.19 6.38 49.79
N GLN D 252 -27.33 5.62 50.47
CA GLN D 252 -26.26 6.22 51.26
C GLN D 252 -25.32 6.88 50.27
N TRP D 253 -24.82 8.07 50.60
CA TRP D 253 -23.91 8.77 49.70
C TRP D 253 -22.64 7.95 49.46
N ASN D 254 -21.97 7.54 50.54
CA ASN D 254 -20.75 6.76 50.41
C ASN D 254 -21.15 5.34 49.98
N PRO D 255 -20.73 4.92 48.76
CA PRO D 255 -21.07 3.58 48.26
C PRO D 255 -20.75 2.40 49.18
N SER D 256 -19.57 2.40 49.77
CA SER D 256 -19.18 1.30 50.66
C SER D 256 -20.06 1.20 51.90
N ASP D 257 -20.86 2.23 52.15
CA ASP D 257 -21.77 2.21 53.30
C ASP D 257 -23.08 1.52 52.94
N ARG D 258 -23.38 1.41 51.66
CA ARG D 258 -24.61 0.77 51.22
C ARG D 258 -24.54 -0.73 51.50
N PRO D 259 -25.68 -1.33 51.84
CA PRO D 259 -25.73 -2.76 52.14
C PRO D 259 -25.39 -3.58 50.90
N SER D 260 -25.08 -4.85 51.08
CA SER D 260 -24.77 -5.72 49.95
C SER D 260 -26.08 -6.33 49.50
N PHE D 261 -26.13 -6.88 48.29
CA PHE D 261 -27.37 -7.50 47.85
C PHE D 261 -27.64 -8.74 48.68
N ALA D 262 -26.59 -9.31 49.24
CA ALA D 262 -26.75 -10.50 50.07
C ALA D 262 -27.55 -10.09 51.31
N GLU D 263 -27.24 -8.92 51.87
CA GLU D 263 -27.93 -8.43 53.04
C GLU D 263 -29.37 -7.99 52.70
N ILE D 264 -29.53 -7.30 51.57
CA ILE D 264 -30.86 -6.86 51.15
C ILE D 264 -31.79 -8.05 51.00
N HIS D 265 -31.29 -9.09 50.35
CA HIS D 265 -32.09 -10.29 50.13
C HIS D 265 -32.50 -10.94 51.44
N GLN D 266 -31.56 -11.04 52.38
CA GLN D 266 -31.85 -11.65 53.66
C GLN D 266 -32.88 -10.81 54.42
N ALA D 267 -32.86 -9.51 54.21
CA ALA D 267 -33.82 -8.64 54.87
C ALA D 267 -35.21 -8.83 54.29
N PHE D 268 -35.30 -8.97 52.97
CA PHE D 268 -36.59 -9.17 52.32
C PHE D 268 -37.15 -10.57 52.51
N GLU D 269 -36.25 -11.56 52.48
CA GLU D 269 -36.67 -12.95 52.67
C GLU D 269 -37.39 -13.01 54.02
N THR D 270 -36.79 -12.40 55.03
CA THR D 270 -37.35 -12.36 56.38
C THR D 270 -38.73 -11.68 56.43
N MET D 271 -38.87 -10.57 55.70
CA MET D 271 -40.14 -9.84 55.69
C MET D 271 -41.25 -10.58 54.95
N PHE D 272 -40.94 -11.10 53.76
CA PHE D 272 -41.92 -11.84 52.97
C PHE D 272 -42.39 -13.06 53.75
N GLN D 273 -41.45 -13.67 54.47
CA GLN D 273 -41.72 -14.85 55.27
C GLN D 273 -42.86 -14.60 56.26
N GLU D 274 -42.61 -13.73 57.23
CA GLU D 274 -43.60 -13.41 58.25
C GLU D 274 -44.82 -12.71 57.68
N SER D 275 -44.64 -11.99 56.58
CA SER D 275 -45.74 -11.29 55.94
C SER D 275 -46.78 -12.28 55.46
N SER D 276 -46.33 -13.47 55.09
CA SER D 276 -47.22 -14.53 54.60
C SER D 276 -47.80 -15.34 55.75
N ILE D 277 -47.74 -14.79 56.96
CA ILE D 277 -48.28 -15.48 58.13
C ILE D 277 -49.51 -14.74 58.64
N GLU E 4 2.90 3.73 -10.27
CA GLU E 4 2.11 4.97 -10.09
C GLU E 4 0.62 4.64 -10.03
N ILE E 5 -0.05 5.12 -8.99
CA ILE E 5 -1.46 4.88 -8.79
C ILE E 5 -2.35 5.84 -9.59
N PHE E 6 -1.98 7.12 -9.57
CA PHE E 6 -2.78 8.12 -10.27
C PHE E 6 -2.30 8.41 -11.67
N GLY E 7 -3.26 8.74 -12.52
CA GLY E 7 -2.94 9.07 -13.90
C GLY E 7 -4.10 9.92 -14.40
N GLU E 8 -3.88 10.64 -15.48
CA GLU E 8 -4.94 11.48 -16.02
C GLU E 8 -5.62 10.70 -17.14
N PHE E 9 -6.93 10.89 -17.26
CA PHE E 9 -7.68 10.21 -18.28
C PHE E 9 -8.64 11.16 -18.97
N GLU E 10 -8.59 11.18 -20.29
CA GLU E 10 -9.46 12.04 -21.07
C GLU E 10 -10.45 11.13 -21.79
N ALA E 11 -11.73 11.26 -21.45
CA ALA E 11 -12.76 10.45 -22.06
C ALA E 11 -12.80 10.75 -23.57
N GLU F 3 23.99 29.30 2.77
CA GLU F 3 25.14 30.13 2.31
C GLU F 3 26.17 29.29 1.56
N GLU F 4 27.23 29.93 1.10
CA GLU F 4 28.27 29.24 0.36
C GLU F 4 29.08 28.38 1.33
N ILE F 5 29.41 27.17 0.90
CA ILE F 5 30.19 26.24 1.73
C ILE F 5 31.68 26.42 1.46
N PHE F 6 32.03 26.67 0.19
CA PHE F 6 33.42 26.83 -0.18
C PHE F 6 33.92 28.26 -0.22
N GLY F 7 35.20 28.40 0.10
CA GLY F 7 35.86 29.69 0.08
C GLY F 7 37.35 29.43 0.08
N GLU F 8 38.13 30.36 -0.46
CA GLU F 8 39.57 30.18 -0.45
C GLU F 8 40.08 30.86 0.79
N PHE F 9 41.16 30.32 1.35
CA PHE F 9 41.71 30.90 2.55
C PHE F 9 43.23 30.82 2.61
N GLU F 10 43.83 31.90 3.06
CA GLU F 10 45.27 31.98 3.24
C GLU F 10 45.47 32.53 4.65
N ALA F 11 46.25 31.83 5.46
CA ALA F 11 46.51 32.27 6.82
C ALA F 11 47.49 33.44 6.80
N LYS F 12 47.27 34.40 7.70
CA LYS F 12 48.13 35.57 7.79
C LYS F 12 49.46 35.17 8.41
N GLU G 4 7.03 -14.44 -22.73
CA GLU G 4 7.12 -15.47 -23.81
C GLU G 4 6.52 -14.99 -25.12
N ILE G 5 7.07 -15.50 -26.21
CA ILE G 5 6.64 -15.13 -27.55
C ILE G 5 5.68 -16.18 -28.10
N PHE G 6 5.96 -17.46 -27.84
CA PHE G 6 5.14 -18.55 -28.33
C PHE G 6 4.07 -19.09 -27.39
N GLY G 7 2.92 -19.39 -27.98
CA GLY G 7 1.82 -19.94 -27.23
C GLY G 7 0.98 -20.73 -28.21
N GLU G 8 0.14 -21.63 -27.70
CA GLU G 8 -0.70 -22.42 -28.57
C GLU G 8 -2.08 -21.79 -28.62
N PHE G 9 -2.77 -21.92 -29.75
CA PHE G 9 -4.09 -21.32 -29.86
C PHE G 9 -5.12 -22.16 -30.62
N GLU G 10 -6.32 -22.21 -30.04
CA GLU G 10 -7.44 -22.92 -30.62
C GLU G 10 -8.72 -22.23 -30.17
N GLU H 3 -42.36 11.52 31.43
CA GLU H 3 -41.20 12.44 31.37
C GLU H 3 -39.97 11.74 30.80
N GLU H 4 -39.01 12.52 30.32
CA GLU H 4 -37.80 11.96 29.75
C GLU H 4 -36.92 11.35 30.82
N ILE H 5 -36.36 10.18 30.52
CA ILE H 5 -35.51 9.44 31.44
C ILE H 5 -34.05 9.86 31.36
N PHE H 6 -33.57 10.12 30.15
CA PHE H 6 -32.17 10.48 29.97
C PHE H 6 -31.84 11.96 29.98
N GLY H 7 -30.72 12.28 30.60
CA GLY H 7 -30.29 13.66 30.66
C GLY H 7 -28.79 13.70 30.70
N GLU H 8 -28.22 14.83 30.30
CA GLU H 8 -26.78 15.00 30.30
C GLU H 8 -26.33 15.53 31.65
N PHE H 9 -25.19 15.05 32.13
CA PHE H 9 -24.65 15.53 33.40
C PHE H 9 -23.14 15.59 33.30
N GLU H 10 -22.57 16.75 33.64
CA GLU H 10 -21.12 16.92 33.57
C GLU H 10 -20.44 16.59 34.89
MG MG I . -6.50 6.25 3.18
MG MG J . 29.22 13.34 -1.31
MG MG K . 15.85 -15.10 -37.16
MG MG L . -34.36 -3.52 29.02
NS 112 M . -6.03 8.69 -4.78
C2S 112 M . -6.07 7.77 -3.82
O2S 112 M . -5.39 6.76 -4.00
C1S 112 M . -6.90 7.92 -2.54
PG 112 M . -5.08 8.14 -0.49
S1G 112 M . -6.38 7.05 -1.25
O2G 112 M . -5.52 8.95 0.64
O3G 112 M . -4.51 8.98 -1.57
PB 112 M . -3.81 6.39 1.32
O1B 112 M . -5.17 5.87 1.63
O2B 112 M . -2.81 5.34 1.02
O3B 112 M . -3.85 7.38 0.13
PA 112 M . -3.80 7.95 3.90
O1A 112 M . -3.36 9.33 3.80
O2A 112 M . -5.21 7.56 4.13
O3A 112 M . -3.40 6.87 2.69
O5' 112 M . -2.62 7.35 4.77
C5' 112 M . -2.64 6.01 4.97
C4' 112 M . -1.45 5.60 5.79
O4' 112 M . -1.48 6.23 7.07
C3' 112 M . -1.54 4.14 5.97
O3' 112 M . -0.66 3.52 5.05
C2' 112 M . -1.18 3.92 7.41
O2' 112 M . 0.19 3.54 7.58
C1' 112 M . -1.60 5.27 8.06
N9 112 M . -3.04 5.29 8.58
C8 112 M . -4.22 5.87 8.06
N7 112 M . -5.34 5.74 8.72
C5 112 M . -4.90 5.01 9.78
C6 112 M . -5.55 4.47 10.94
N6 112 M . -6.95 4.69 11.12
N1 112 M . -4.83 3.75 11.88
C2 112 M . -3.46 3.53 11.72
N3 112 M . -2.71 3.97 10.67
C4 112 M . -3.48 4.72 9.72
NS 112 N . 33.59 20.50 -1.10
C2S 112 N . 32.71 19.63 -0.62
O2S 112 N . 31.74 20.11 -0.01
C1S 112 N . 32.82 18.11 -0.78
PG 112 N . 30.64 17.41 -2.31
S1G 112 N . 31.41 17.27 -0.62
O2G 112 N . 30.89 16.27 -3.19
O3G 112 N . 31.07 18.68 -2.91
PB 112 N . 28.04 16.40 -1.82
O1B 112 N . 28.73 15.34 -1.02
O2B 112 N . 26.96 17.09 -1.11
O3B 112 N . 29.05 17.46 -2.30
PA 112 N . 27.59 14.37 -4.03
O1A 112 N . 27.97 14.87 -5.35
O2A 112 N . 28.34 13.35 -3.29
O3A 112 N . 27.31 15.52 -2.81
O5' 112 N . 26.02 14.23 -4.21
C5' 112 N . 25.33 13.92 -3.11
C4' 112 N . 23.86 13.83 -3.42
O4' 112 N . 23.60 12.83 -4.39
C3' 112 N . 23.16 13.47 -2.16
O3' 112 N . 22.68 14.66 -1.55
C2' 112 N . 22.10 12.51 -2.63
O2' 112 N . 20.84 13.14 -2.92
C1' 112 N . 22.79 11.84 -3.86
N9 112 N . 23.64 10.62 -3.52
C8 112 N . 25.03 10.43 -3.41
N7 112 N . 25.50 9.25 -3.11
C5 112 N . 24.34 8.56 -2.98
C6 112 N . 24.03 7.18 -2.66
N6 112 N . 25.09 6.26 -2.40
N1 112 N . 22.70 6.76 -2.62
C2 112 N . 21.66 7.64 -2.86
N3 112 N . 21.80 8.97 -3.18
C4 112 N . 23.16 9.38 -3.23
NS 112 O . 8.84 -18.22 -33.52
C2S 112 O . 9.67 -17.21 -33.85
O2S 112 O . 9.75 -16.29 -33.02
C1S 112 O . 10.47 -17.19 -35.15
PG 112 O . 13.10 -17.19 -34.25
S1G 112 O . 11.80 -16.20 -35.19
O2G 112 O . 14.01 -17.93 -35.10
O3G 112 O . 12.39 -18.09 -33.31
PB 112 O . 15.12 -15.24 -33.87
O1B 112 O . 14.80 -14.83 -35.26
O2B 112 O . 15.16 -14.15 -32.88
O3B 112 O . 14.11 -16.32 -33.37
PA 112 O . 17.60 -16.64 -34.89
O1A 112 O . 17.72 -18.03 -34.44
O2A 112 O . 17.23 -16.26 -36.28
O3A 112 O . 16.59 -15.60 -34.03
O5' 112 O . 18.86 -15.99 -34.16
C5' 112 O . 18.92 -14.65 -34.23
C4' 112 O . 20.09 -14.08 -33.50
O4' 112 O . 21.30 -14.56 -34.02
C3' 112 O . 20.04 -12.60 -33.66
O3' 112 O . 19.47 -12.04 -32.50
C2' 112 O . 21.49 -12.22 -33.90
O2' 112 O . 22.17 -11.80 -32.71
C1' 112 O . 22.07 -13.52 -34.53
N9 112 O . 21.99 -13.55 -36.05
C8 112 O . 21.10 -14.18 -36.96
N7 112 O . 21.27 -14.04 -38.25
C5 112 O . 22.36 -13.23 -38.25
C6 112 O . 23.12 -12.63 -39.29
N6 112 O . 22.74 -12.89 -40.66
N1 112 O . 24.23 -11.82 -38.99
C2 112 O . 24.59 -11.58 -37.68
N3 112 O . 23.94 -12.09 -36.57
C4 112 O . 22.84 -12.90 -36.91
NS 112 P . -31.01 4.19 29.28
C2S 112 P . -31.72 3.23 29.89
O2S 112 P . -32.69 3.63 30.56
C1S 112 P . -31.40 1.72 29.77
PG 112 P . -33.34 0.73 28.05
S1G 112 P . -32.71 0.69 29.82
O2G 112 P . -32.88 -0.34 27.19
O3G 112 P . -33.02 2.08 27.52
PB 112 P . -35.84 -0.61 28.26
O1B 112 P . -35.15 -1.56 29.18
O2B 112 P . -37.12 -0.08 28.76
O3B 112 P . -34.92 0.59 27.91
PA 112 P . -35.73 -2.68 26.08
O1A 112 P . -35.29 -2.20 24.78
O2A 112 P . -34.94 -3.56 26.96
O3A 112 P . -36.29 -1.58 27.21
O5' 112 P . -37.23 -3.01 25.72
C5' 112 P . -38.02 -3.42 26.72
C4' 112 P . -39.40 -3.68 26.22
O4' 112 P . -39.39 -4.70 25.24
C3' 112 P . -40.21 -4.13 27.37
O3' 112 P . -40.92 -3.05 27.89
C2' 112 P . -41.06 -5.23 26.77
O2' 112 P . -42.33 -4.75 26.29
C1' 112 P . -40.12 -5.80 25.68
N9 112 P . -39.14 -6.87 26.17
C8 112 P . -37.76 -6.85 26.46
N7 112 P . -37.16 -7.93 26.86
C5 112 P . -38.22 -8.79 26.86
C6 112 P . -38.33 -10.17 27.18
N6 112 P . -37.17 -10.88 27.60
N1 112 P . -39.57 -10.82 27.09
C2 112 P . -40.71 -10.13 26.67
N3 112 P . -40.74 -8.80 26.32
C4 112 P . -39.47 -8.17 26.43
#